data_4L61
#
_entry.id   4L61
#
_cell.length_a   77.490
_cell.length_b   97.216
_cell.length_c   97.862
_cell.angle_alpha   90.00
_cell.angle_beta   90.00
_cell.angle_gamma   90.00
#
_symmetry.space_group_name_H-M   'P 21 21 21'
#
loop_
_entity.id
_entity.type
_entity.pdbx_description
1 polymer '5-methyltetrahydropteroyltriglutamate--homocysteine methyltransferase'
2 non-polymer METHIONINE
3 non-polymer 'ZINC ION'
4 water water
#
_entity_poly.entity_id   1
_entity_poly.type   'polypeptide(L)'
_entity_poly.pdbx_seq_one_letter_code
;MHHHHHHSSGVDLGTENLYFQSMVQSSVLGFPRIGGQRELKKITEAYWSGKATVEELLAKGKELREHNWKLQQKAGVDII
PSNDFSYYDQVLDLSLLFNAIPERYTKFDLAPIDVLFAMGRGLQAAATATQAAVDVTALEMVKWFDSNYHYVRPTFSHST
EFKLNTAAGIKPVDEFNEAKALGVQTRPVILGPVSYLYLGKADKDSLDLEPISLLPKILPVYKELLQKLKEAGAEQVQID
EPVLVLDLPEAVQSKFKEAYDALVGADVPELILTTYFGDVRPNLKAIENLPVAGFHFDFVRVPEQLDEVASILKDGQTLS
AGVVDGRNIWKTDFAKASAVVQKAIEKVGKDKVVVATSSSLLHTPVDLESETKLDAVIKDWFSFATQKLDEVVVIAKNVS
GEDVSKQLEANAASIKARSESSITNDPKVQERLTTINEALATRKAAFPERLTEQKAKYNLPLFPTTTIGSFPQTKDIRIN
RNKFAKGQITAEEYEAFINKEIETVVRFQEEIGLDVLVHGEPERNDMVQYFGEQLNGFAFTTNGWVQSYGSRYVRPPIIV
GDVSRPKAMTVKESVYAQSITSKPMKGMLTGPVTILRWSFPRDDVSGKIQALQLGLALRDEVNDLEGAGITVIQVDEPAI
REGLPLRAGKERSDYLNWAAQSFRVATSGVENSTQIHSHFCYSDLDPNHIKALDADVVSIEFSKKDDPNYIQEFSEYPNH
IGLGLFDIHSPRIPSKQEFVSRIEEILKVYPASKFWVNPDCGLKTRGWPEVKESLTNMVEAAKEFRAKY
;
_entity_poly.pdbx_strand_id   A
#
# COMPACT_ATOMS: atom_id res chain seq x y z
N MET A 23 -6.79 -9.06 36.75
CA MET A 23 -6.11 -7.94 36.05
C MET A 23 -5.85 -8.30 34.59
N VAL A 24 -6.45 -7.55 33.67
CA VAL A 24 -6.38 -7.85 32.25
C VAL A 24 -5.15 -7.18 31.68
N GLN A 25 -4.35 -7.94 30.95
CA GLN A 25 -3.13 -7.42 30.32
C GLN A 25 -3.37 -6.62 29.06
N SER A 26 -2.45 -5.71 28.82
CA SER A 26 -2.36 -4.98 27.57
C SER A 26 -1.24 -5.55 26.69
N SER A 27 -1.39 -5.41 25.37
CA SER A 27 -0.53 -6.10 24.42
C SER A 27 -0.35 -5.24 23.17
N VAL A 28 0.88 -5.19 22.64
CA VAL A 28 1.14 -4.48 21.42
C VAL A 28 1.78 -5.45 20.43
N LEU A 29 1.30 -5.53 19.18
CA LEU A 29 1.76 -6.61 18.29
C LEU A 29 3.04 -6.31 17.50
N GLY A 30 3.49 -5.07 17.54
CA GLY A 30 4.69 -4.62 16.86
C GLY A 30 4.66 -3.09 16.86
N PHE A 31 5.84 -2.50 16.86
CA PHE A 31 5.96 -1.04 16.97
C PHE A 31 6.70 -0.54 15.73
N PRO A 32 6.37 0.64 15.20
CA PRO A 32 7.07 0.98 13.96
C PRO A 32 8.53 1.26 14.33
N ARG A 33 9.45 0.92 13.42
CA ARG A 33 10.88 0.97 13.73
C ARG A 33 11.68 2.08 13.04
N ILE A 34 11.00 2.95 12.28
CA ILE A 34 11.66 3.94 11.47
C ILE A 34 12.28 5.07 12.29
N GLY A 35 11.75 5.24 13.53
CA GLY A 35 12.23 6.18 14.50
C GLY A 35 11.45 7.48 14.42
N GLY A 36 11.30 8.14 15.56
CA GLY A 36 10.47 9.33 15.65
C GLY A 36 10.97 10.49 14.79
N GLN A 37 12.27 10.52 14.50
CA GLN A 37 12.86 11.50 13.59
C GLN A 37 13.34 10.86 12.28
N ARG A 38 12.87 9.65 11.97
CA ARG A 38 13.36 8.89 10.79
C ARG A 38 14.85 8.46 10.85
N GLU A 39 15.33 8.19 12.04
CA GLU A 39 16.76 7.87 12.25
C GLU A 39 17.15 6.62 11.41
N LEU A 40 16.22 5.67 11.28
CA LEU A 40 16.52 4.42 10.62
C LEU A 40 16.79 4.68 9.17
N LYS A 41 15.94 5.50 8.55
CA LYS A 41 16.19 5.87 7.16
C LYS A 41 17.56 6.54 6.97
N LYS A 42 17.88 7.45 7.86
CA LYS A 42 19.11 8.18 7.74
C LYS A 42 20.33 7.23 7.78
N ILE A 43 20.31 6.30 8.72
CA ILE A 43 21.46 5.45 8.97
C ILE A 43 21.56 4.37 7.89
N THR A 44 20.46 3.76 7.52
CA THR A 44 20.55 2.70 6.50
C THR A 44 21.01 3.27 5.15
N GLU A 45 20.51 4.47 4.81
CA GLU A 45 20.89 5.11 3.52
C GLU A 45 22.34 5.57 3.53
N ALA A 46 22.78 6.03 4.70
CA ALA A 46 24.18 6.48 4.89
C ALA A 46 25.12 5.26 4.85
N TYR A 47 24.59 4.10 5.23
CA TYR A 47 25.37 2.86 5.21
C TYR A 47 25.46 2.42 3.80
N TRP A 48 24.32 2.38 3.11
CA TRP A 48 24.29 1.86 1.74
C TRP A 48 25.15 2.70 0.82
N SER A 49 25.29 3.98 1.14
CA SER A 49 26.02 4.93 0.32
C SER A 49 27.55 4.84 0.61
N GLY A 50 27.90 4.11 1.67
CA GLY A 50 29.27 3.97 2.14
C GLY A 50 29.75 5.14 3.00
N LYS A 51 28.84 5.92 3.60
CA LYS A 51 29.25 7.05 4.48
C LYS A 51 29.32 6.66 5.96
N ALA A 52 28.59 5.60 6.30
CA ALA A 52 28.56 5.07 7.65
C ALA A 52 29.03 3.62 7.65
N THR A 53 29.65 3.20 8.74
CA THR A 53 30.13 1.83 8.85
C THR A 53 28.95 0.88 9.24
N VAL A 54 29.17 -0.40 9.00
CA VAL A 54 28.15 -1.38 9.41
C VAL A 54 28.02 -1.34 10.96
N GLU A 55 29.11 -1.04 11.67
CA GLU A 55 29.08 -1.01 13.15
C GLU A 55 28.19 0.16 13.61
N GLU A 56 28.30 1.28 12.89
CA GLU A 56 27.38 2.45 13.10
C GLU A 56 25.91 2.10 12.90
N LEU A 57 25.61 1.45 11.80
CA LEU A 57 24.31 0.96 11.52
C LEU A 57 23.76 0.08 12.66
N LEU A 58 24.52 -0.91 13.10
CA LEU A 58 24.04 -1.83 14.14
C LEU A 58 23.91 -1.17 15.49
N ALA A 59 24.81 -0.26 15.82
CA ALA A 59 24.61 0.61 17.01
C ALA A 59 23.32 1.45 16.98
N LYS A 60 23.00 2.03 15.82
CA LYS A 60 21.78 2.85 15.73
C LYS A 60 20.50 1.97 15.81
N GLY A 61 20.55 0.76 15.26
CA GLY A 61 19.48 -0.19 15.44
C GLY A 61 19.24 -0.54 16.91
N LYS A 62 20.32 -0.78 17.65
CA LYS A 62 20.19 -1.11 19.05
C LYS A 62 19.60 0.03 19.86
N GLU A 63 19.97 1.25 19.52
CA GLU A 63 19.45 2.42 20.19
C GLU A 63 17.96 2.59 19.89
N LEU A 64 17.57 2.36 18.66
CA LEU A 64 16.14 2.43 18.34
C LEU A 64 15.32 1.40 19.11
N ARG A 65 15.77 0.16 19.08
CA ARG A 65 15.03 -0.94 19.73
C ARG A 65 14.87 -0.71 21.26
N GLU A 66 15.94 -0.18 21.85
CA GLU A 66 15.97 0.16 23.28
C GLU A 66 14.99 1.28 23.54
N HIS A 67 15.07 2.32 22.73
CA HIS A 67 14.23 3.44 22.94
C HIS A 67 12.74 2.96 22.85
N ASN A 68 12.46 2.12 21.86
CA ASN A 68 11.08 1.70 21.63
C ASN A 68 10.56 0.76 22.75
N TRP A 69 11.41 -0.15 23.19
CA TRP A 69 11.05 -0.99 24.33
C TRP A 69 10.79 -0.16 25.62
N LYS A 70 11.64 0.82 25.91
CA LYS A 70 11.44 1.70 27.10
C LYS A 70 10.16 2.53 27.02
N LEU A 71 9.83 2.99 25.83
CA LEU A 71 8.61 3.73 25.55
C LEU A 71 7.40 2.86 25.93
N GLN A 72 7.45 1.59 25.61
CA GLN A 72 6.27 0.72 25.83
C GLN A 72 6.22 0.32 27.29
N GLN A 73 7.40 0.05 27.86
CA GLN A 73 7.46 -0.29 29.25
C GLN A 73 6.95 0.90 30.07
N LYS A 74 7.51 2.09 29.81
CA LYS A 74 7.07 3.35 30.41
C LYS A 74 5.53 3.58 30.28
N ALA A 75 4.93 3.25 29.16
CA ALA A 75 3.51 3.47 29.07
C ALA A 75 2.69 2.46 29.93
N GLY A 76 3.33 1.36 30.33
CA GLY A 76 2.67 0.34 31.12
C GLY A 76 2.19 -0.87 30.32
N VAL A 77 2.61 -0.99 29.06
CA VAL A 77 2.19 -2.14 28.26
C VAL A 77 2.70 -3.43 28.89
N ASP A 78 1.88 -4.48 29.05
CA ASP A 78 2.38 -5.73 29.69
C ASP A 78 3.14 -6.61 28.71
N ILE A 79 2.55 -6.77 27.53
CA ILE A 79 3.07 -7.71 26.53
C ILE A 79 3.68 -6.86 25.42
N ILE A 80 5.00 -6.85 25.35
CA ILE A 80 5.78 -5.91 24.52
C ILE A 80 6.51 -6.79 23.53
N PRO A 81 6.42 -6.49 22.25
CA PRO A 81 7.01 -7.33 21.23
C PRO A 81 8.51 -7.19 21.07
N SER A 82 9.18 -8.27 20.68
CA SER A 82 10.54 -8.15 20.10
C SER A 82 10.55 -8.91 18.78
N ASN A 83 11.61 -8.74 18.02
CA ASN A 83 11.78 -9.23 16.63
C ASN A 83 10.89 -8.51 15.60
N ASP A 84 10.14 -7.54 16.06
CA ASP A 84 9.37 -6.65 15.19
C ASP A 84 10.24 -5.58 14.47
N PHE A 85 11.39 -5.30 15.07
CA PHE A 85 12.39 -4.43 14.44
C PHE A 85 12.88 -5.08 13.13
N SER A 86 13.19 -4.26 12.12
CA SER A 86 13.92 -4.70 10.93
C SER A 86 14.66 -3.57 10.28
N TYR A 87 15.78 -3.93 9.62
CA TYR A 87 16.58 -3.00 8.79
C TYR A 87 15.98 -2.85 7.40
N TYR A 88 15.04 -3.72 7.07
CA TYR A 88 14.41 -3.59 5.76
C TYR A 88 13.01 -4.18 5.71
N ASP A 89 12.91 -5.45 6.04
CA ASP A 89 11.65 -6.12 6.03
C ASP A 89 11.72 -7.36 6.90
N GLN A 90 10.74 -7.49 7.82
CA GLN A 90 10.62 -8.67 8.73
C GLN A 90 10.50 -10.03 8.03
N VAL A 91 9.85 -10.08 6.86
CA VAL A 91 9.68 -11.32 6.16
C VAL A 91 11.03 -11.72 5.58
N LEU A 92 11.70 -10.75 5.01
CA LEU A 92 13.02 -11.00 4.51
C LEU A 92 13.93 -11.44 5.68
N ASP A 93 13.84 -10.82 6.84
CA ASP A 93 14.66 -11.27 7.96
C ASP A 93 14.40 -12.76 8.23
N LEU A 94 13.15 -13.25 8.08
CA LEU A 94 12.93 -14.69 8.30
C LEU A 94 13.57 -15.52 7.21
N SER A 95 13.49 -15.09 5.97
CA SER A 95 14.18 -15.82 4.90
C SER A 95 15.71 -15.96 5.18
N LEU A 96 16.37 -14.90 5.65
CA LEU A 96 17.79 -15.00 6.00
C LEU A 96 17.89 -16.05 7.07
N LEU A 97 17.09 -15.90 8.11
CA LEU A 97 17.22 -16.78 9.25
C LEU A 97 17.08 -18.26 8.92
N PHE A 98 16.18 -18.61 7.99
CA PHE A 98 15.87 -20.02 7.70
C PHE A 98 16.62 -20.52 6.46
N ASN A 99 17.44 -19.65 5.86
CA ASN A 99 18.29 -20.01 4.71
C ASN A 99 17.48 -20.15 3.41
N ALA A 100 16.40 -19.38 3.27
CA ALA A 100 15.67 -19.29 1.98
C ALA A 100 16.35 -18.22 1.15
N ILE A 101 17.55 -18.51 0.67
CA ILE A 101 18.42 -17.51 0.12
C ILE A 101 18.90 -18.06 -1.20
N PRO A 102 18.44 -17.49 -2.32
CA PRO A 102 18.81 -18.03 -3.63
C PRO A 102 20.33 -17.99 -3.92
N GLU A 103 20.85 -19.01 -4.60
CA GLU A 103 22.31 -19.13 -4.90
C GLU A 103 22.92 -17.84 -5.39
N ARG A 104 22.25 -17.19 -6.33
CA ARG A 104 22.81 -15.98 -6.95
C ARG A 104 23.22 -14.94 -5.93
N TYR A 105 22.53 -14.87 -4.80
CA TYR A 105 22.88 -13.89 -3.78
C TYR A 105 24.11 -14.25 -2.92
N THR A 106 24.60 -15.48 -3.05
CA THR A 106 25.59 -16.04 -2.09
C THR A 106 27.02 -16.08 -2.65
N LYS A 107 27.16 -15.74 -3.92
CA LYS A 107 28.44 -15.88 -4.62
C LYS A 107 29.22 -14.56 -4.66
N PHE A 108 29.39 -13.89 -3.51
CA PHE A 108 30.07 -12.56 -3.50
C PHE A 108 30.89 -12.23 -2.24
N ASP A 109 31.21 -13.24 -1.43
CA ASP A 109 31.89 -13.05 -0.13
C ASP A 109 31.05 -12.27 0.92
N LEU A 110 29.83 -11.83 0.55
CA LEU A 110 29.01 -10.91 1.36
C LEU A 110 28.67 -11.44 2.72
N ALA A 111 28.83 -10.58 3.72
CA ALA A 111 28.38 -10.87 5.08
C ALA A 111 26.83 -10.97 5.16
N PRO A 112 26.29 -11.73 6.14
CA PRO A 112 24.84 -11.87 6.24
C PRO A 112 24.09 -10.56 6.03
N ILE A 113 24.48 -9.47 6.68
CA ILE A 113 23.62 -8.29 6.60
C ILE A 113 23.62 -7.72 5.16
N ASP A 114 24.70 -7.93 4.43
CA ASP A 114 24.74 -7.41 3.04
C ASP A 114 24.14 -8.38 1.99
N VAL A 115 24.08 -9.66 2.30
CA VAL A 115 23.22 -10.59 1.57
C VAL A 115 21.75 -10.14 1.75
N LEU A 116 21.41 -9.79 2.99
CA LEU A 116 20.09 -9.24 3.31
C LEU A 116 19.76 -8.08 2.39
N PHE A 117 20.60 -7.07 2.42
CA PHE A 117 20.36 -5.88 1.61
C PHE A 117 20.37 -6.14 0.11
N ALA A 118 21.13 -7.14 -0.32
CA ALA A 118 21.16 -7.53 -1.72
C ALA A 118 19.82 -8.13 -2.20
N MET A 119 19.27 -9.02 -1.38
CA MET A 119 17.96 -9.60 -1.67
C MET A 119 16.93 -8.50 -1.65
N GLY A 120 17.09 -7.58 -0.69
CA GLY A 120 16.13 -6.54 -0.43
C GLY A 120 16.13 -5.59 -1.59
N ARG A 121 17.30 -5.13 -1.99
CA ARG A 121 17.34 -4.04 -2.96
C ARG A 121 18.27 -4.24 -4.19
N GLY A 122 18.80 -5.45 -4.37
CA GLY A 122 19.71 -5.75 -5.47
C GLY A 122 21.15 -5.41 -5.14
N LEU A 123 22.09 -5.89 -5.96
CA LEU A 123 23.52 -5.62 -5.77
C LEU A 123 24.11 -5.27 -7.13
N GLN A 124 24.63 -4.05 -7.23
CA GLN A 124 25.38 -3.57 -8.42
C GLN A 124 26.90 -3.51 -8.10
N ALA A 125 27.73 -4.25 -8.86
CA ALA A 125 29.21 -4.16 -8.75
C ALA A 125 29.89 -4.31 -10.10
N ALA A 126 30.97 -3.54 -10.30
CA ALA A 126 31.75 -3.53 -11.53
C ALA A 126 32.99 -4.44 -11.47
N VAL A 136 22.71 -7.98 -10.46
CA VAL A 136 21.77 -8.97 -9.87
C VAL A 136 20.55 -8.28 -9.21
N THR A 137 19.36 -8.68 -9.65
CA THR A 137 18.13 -7.98 -9.34
C THR A 137 17.60 -8.31 -7.96
N ALA A 138 16.86 -7.37 -7.36
CA ALA A 138 16.21 -7.59 -6.09
C ALA A 138 15.11 -8.62 -6.17
N LEU A 139 14.84 -9.25 -5.03
CA LEU A 139 13.68 -10.11 -4.94
C LEU A 139 12.41 -9.27 -5.07
N GLU A 140 11.32 -9.91 -5.45
CA GLU A 140 10.02 -9.24 -5.68
C GLU A 140 9.39 -8.61 -4.40
N MET A 141 8.92 -7.39 -4.58
N MET A 141 8.94 -7.36 -4.52
CA MET A 141 8.25 -6.57 -3.59
CA MET A 141 8.25 -6.71 -3.40
C MET A 141 6.77 -6.91 -3.76
C MET A 141 6.76 -6.69 -3.67
N VAL A 142 6.03 -7.15 -2.67
CA VAL A 142 4.61 -7.46 -2.75
C VAL A 142 3.90 -6.68 -1.64
N LYS A 143 2.69 -6.16 -1.91
CA LYS A 143 1.85 -5.60 -0.83
C LYS A 143 1.57 -6.61 0.27
N TRP A 144 1.61 -6.17 1.52
CA TRP A 144 1.27 -6.99 2.67
C TRP A 144 -0.26 -6.87 2.87
N PHE A 145 -1.01 -7.85 2.31
CA PHE A 145 -2.48 -7.84 2.41
C PHE A 145 -3.04 -6.54 1.82
N ASP A 146 -3.96 -5.87 2.49
CA ASP A 146 -4.49 -4.66 1.93
C ASP A 146 -3.94 -3.45 2.67
N SER A 147 -2.84 -3.66 3.40
CA SER A 147 -2.05 -2.60 4.00
C SER A 147 -1.22 -1.80 2.98
N ASN A 148 -0.58 -0.74 3.43
CA ASN A 148 0.29 0.00 2.52
C ASN A 148 1.78 -0.38 2.66
N TYR A 149 2.05 -1.45 3.41
CA TYR A 149 3.37 -1.94 3.56
C TYR A 149 3.67 -2.99 2.46
N HIS A 150 4.92 -3.09 2.05
CA HIS A 150 5.35 -4.17 1.18
C HIS A 150 6.43 -5.03 1.80
N TYR A 151 6.36 -6.33 1.51
CA TYR A 151 7.31 -7.28 2.02
C TYR A 151 8.03 -7.82 0.88
N VAL A 152 9.18 -8.44 1.15
CA VAL A 152 9.99 -9.10 0.16
C VAL A 152 9.54 -10.57 0.08
N ARG A 153 9.14 -10.98 -1.11
CA ARG A 153 8.58 -12.29 -1.32
C ARG A 153 9.58 -13.44 -0.99
N PRO A 154 9.19 -14.34 -0.08
CA PRO A 154 9.96 -15.57 0.16
C PRO A 154 10.01 -16.40 -1.13
N THR A 155 11.20 -16.74 -1.52
CA THR A 155 11.38 -17.36 -2.85
C THR A 155 12.04 -18.70 -2.66
N PHE A 156 11.48 -19.75 -3.26
CA PHE A 156 11.91 -21.12 -2.96
C PHE A 156 12.21 -21.94 -4.20
N SER A 157 13.27 -22.75 -4.11
CA SER A 157 13.64 -23.72 -5.15
C SER A 157 13.64 -25.15 -4.64
N HIS A 158 13.60 -26.09 -5.59
CA HIS A 158 13.77 -27.50 -5.30
C HIS A 158 15.00 -27.71 -4.47
N SER A 159 16.06 -26.95 -4.75
CA SER A 159 17.31 -27.03 -3.97
C SER A 159 17.25 -26.37 -2.60
N THR A 160 16.16 -25.69 -2.24
CA THR A 160 16.21 -24.90 -1.00
C THR A 160 16.45 -25.81 0.18
N GLU A 161 17.46 -25.53 1.00
CA GLU A 161 17.61 -26.23 2.27
C GLU A 161 17.41 -25.29 3.44
N PHE A 162 16.30 -25.50 4.12
CA PHE A 162 16.03 -24.78 5.31
C PHE A 162 16.88 -25.26 6.45
N LYS A 163 17.45 -24.32 7.18
CA LYS A 163 18.19 -24.60 8.39
C LYS A 163 18.39 -23.28 9.09
N LEU A 164 18.68 -23.30 10.37
CA LEU A 164 18.95 -22.10 11.14
C LEU A 164 20.31 -21.55 10.80
N ASN A 165 20.34 -20.30 10.31
CA ASN A 165 21.58 -19.64 9.92
C ASN A 165 22.14 -18.85 11.09
N THR A 166 23.13 -19.43 11.78
CA THR A 166 23.55 -18.93 13.10
C THR A 166 24.84 -18.14 13.14
N ALA A 167 25.69 -18.22 12.13
CA ALA A 167 26.92 -17.41 12.16
C ALA A 167 26.51 -15.97 11.93
N ALA A 168 25.36 -15.81 11.30
CA ALA A 168 24.67 -14.51 11.20
C ALA A 168 23.99 -14.00 12.50
N GLY A 169 24.30 -14.56 13.68
CA GLY A 169 23.51 -14.31 14.90
C GLY A 169 22.08 -14.76 14.69
N ILE A 170 21.32 -14.98 15.76
CA ILE A 170 19.95 -15.43 15.58
C ILE A 170 19.08 -14.28 16.05
N LYS A 171 18.63 -13.50 15.06
CA LYS A 171 18.08 -12.20 15.34
C LYS A 171 16.99 -12.27 16.46
N PRO A 172 16.02 -13.19 16.38
CA PRO A 172 14.99 -13.13 17.41
C PRO A 172 15.52 -13.43 18.85
N VAL A 173 16.52 -14.31 18.97
CA VAL A 173 17.20 -14.63 20.21
C VAL A 173 18.02 -13.44 20.67
N ASP A 174 18.84 -12.91 19.77
CA ASP A 174 19.67 -11.78 20.12
C ASP A 174 18.81 -10.61 20.61
N GLU A 175 17.74 -10.31 19.87
CA GLU A 175 16.97 -9.14 20.23
C GLU A 175 16.10 -9.40 21.50
N PHE A 176 15.60 -10.61 21.72
CA PHE A 176 15.03 -10.96 23.04
C PHE A 176 16.02 -10.76 24.21
N ASN A 177 17.22 -11.32 24.07
CA ASN A 177 18.30 -11.14 25.07
C ASN A 177 18.65 -9.70 25.34
N GLU A 178 18.65 -8.88 24.30
CA GLU A 178 18.95 -7.45 24.44
C GLU A 178 17.87 -6.71 25.30
N ALA A 179 16.63 -6.94 24.98
CA ALA A 179 15.54 -6.38 25.76
C ALA A 179 15.65 -6.88 27.20
N LYS A 180 16.02 -8.14 27.38
CA LYS A 180 16.11 -8.70 28.76
C LYS A 180 17.17 -8.02 29.61
N ALA A 181 18.36 -7.82 29.06
CA ALA A 181 19.38 -7.01 29.73
C ALA A 181 18.90 -5.59 30.01
N LEU A 182 17.95 -5.07 29.23
CA LEU A 182 17.37 -3.79 29.59
C LEU A 182 16.39 -3.86 30.77
N GLY A 183 16.02 -5.04 31.23
CA GLY A 183 14.92 -5.21 32.19
C GLY A 183 13.54 -5.27 31.55
N VAL A 184 13.49 -5.59 30.25
CA VAL A 184 12.24 -5.68 29.51
C VAL A 184 12.04 -7.13 29.00
N GLN A 185 11.10 -7.83 29.60
CA GLN A 185 10.67 -9.12 29.09
C GLN A 185 9.74 -8.89 27.89
N THR A 186 10.04 -9.52 26.78
CA THR A 186 9.28 -9.31 25.56
C THR A 186 8.70 -10.60 25.03
N ARG A 187 7.76 -10.45 24.08
CA ARG A 187 7.20 -11.54 23.36
C ARG A 187 7.68 -11.51 21.92
N PRO A 188 8.56 -12.49 21.54
CA PRO A 188 9.06 -12.49 20.18
C PRO A 188 7.92 -12.64 19.21
N VAL A 189 8.08 -11.99 18.08
CA VAL A 189 7.08 -12.12 17.01
C VAL A 189 7.74 -12.79 15.80
N ILE A 190 7.16 -13.87 15.32
CA ILE A 190 7.63 -14.44 14.08
C ILE A 190 6.44 -14.80 13.19
N LEU A 191 6.60 -14.60 11.91
CA LEU A 191 5.62 -15.09 10.98
C LEU A 191 5.62 -16.62 10.98
N GLY A 192 4.45 -17.22 11.14
CA GLY A 192 4.30 -18.69 11.23
C GLY A 192 4.52 -19.46 9.92
N PRO A 193 4.69 -20.81 10.02
CA PRO A 193 5.17 -21.62 8.88
C PRO A 193 4.20 -21.70 7.70
N VAL A 194 2.90 -21.72 7.95
CA VAL A 194 1.94 -21.78 6.86
C VAL A 194 1.87 -20.48 6.12
N SER A 195 1.75 -19.36 6.85
CA SER A 195 1.74 -18.05 6.21
C SER A 195 3.05 -17.77 5.45
N TYR A 196 4.19 -18.09 6.08
CA TYR A 196 5.46 -17.81 5.48
C TYR A 196 5.63 -18.53 4.11
N LEU A 197 5.20 -19.78 4.04
CA LEU A 197 5.33 -20.53 2.83
C LEU A 197 4.27 -20.11 1.87
N TYR A 198 3.05 -19.99 2.37
CA TYR A 198 1.93 -19.73 1.50
C TYR A 198 2.07 -18.38 0.80
N LEU A 199 2.72 -17.41 1.42
CA LEU A 199 2.91 -16.10 0.78
C LEU A 199 4.17 -16.07 -0.09
N GLY A 200 4.90 -17.17 -0.12
CA GLY A 200 6.06 -17.19 -0.95
C GLY A 200 5.71 -17.63 -2.36
N LYS A 201 6.75 -17.91 -3.13
CA LYS A 201 6.63 -18.25 -4.52
C LYS A 201 7.84 -19.10 -4.98
N ALA A 202 7.61 -19.94 -5.99
CA ALA A 202 8.69 -20.73 -6.57
C ALA A 202 9.60 -19.82 -7.38
N ASP A 203 10.90 -20.07 -7.25
CA ASP A 203 11.96 -19.36 -8.04
C ASP A 203 11.86 -19.77 -9.53
N LYS A 204 12.58 -19.03 -10.36
CA LYS A 204 12.62 -19.22 -11.83
C LYS A 204 12.90 -20.65 -12.27
N ASP A 205 13.70 -21.38 -11.51
CA ASP A 205 14.20 -22.71 -11.91
C ASP A 205 13.36 -23.87 -11.37
N SER A 206 12.24 -23.55 -10.76
CA SER A 206 11.40 -24.52 -10.08
C SER A 206 9.91 -24.12 -10.23
N LEU A 207 9.52 -23.73 -11.45
CA LEU A 207 8.18 -23.19 -11.73
C LEU A 207 7.05 -24.14 -11.22
N ASP A 208 7.35 -25.44 -11.14
CA ASP A 208 6.37 -26.44 -10.73
C ASP A 208 6.25 -26.70 -9.20
N LEU A 209 7.07 -26.02 -8.42
CA LEU A 209 7.11 -26.26 -7.00
C LEU A 209 5.99 -25.51 -6.33
N GLU A 210 5.25 -26.24 -5.49
CA GLU A 210 4.24 -25.68 -4.62
C GLU A 210 4.84 -25.32 -3.26
N PRO A 211 5.02 -24.03 -2.97
CA PRO A 211 5.71 -23.70 -1.70
C PRO A 211 5.23 -24.41 -0.44
N ILE A 212 3.93 -24.57 -0.29
CA ILE A 212 3.39 -25.16 0.91
C ILE A 212 3.81 -26.63 1.03
N SER A 213 4.19 -27.29 -0.07
CA SER A 213 4.67 -28.68 -0.03
C SER A 213 6.00 -28.80 0.73
N LEU A 214 6.68 -27.66 0.97
CA LEU A 214 7.89 -27.61 1.77
C LEU A 214 7.68 -27.60 3.32
N LEU A 215 6.43 -27.62 3.76
CA LEU A 215 6.11 -27.58 5.18
C LEU A 215 6.91 -28.59 6.01
N PRO A 216 6.95 -29.89 5.60
CA PRO A 216 7.73 -30.82 6.49
C PRO A 216 9.23 -30.49 6.64
N LYS A 217 9.82 -29.82 5.66
CA LYS A 217 11.20 -29.42 5.77
C LYS A 217 11.37 -28.15 6.63
N ILE A 218 10.38 -27.27 6.76
CA ILE A 218 10.68 -26.04 7.50
C ILE A 218 10.32 -26.18 8.98
N LEU A 219 9.46 -27.15 9.30
CA LEU A 219 8.97 -27.26 10.66
C LEU A 219 10.07 -27.54 11.68
N PRO A 220 11.04 -28.40 11.33
CA PRO A 220 12.16 -28.61 12.23
C PRO A 220 12.93 -27.32 12.55
N VAL A 221 13.06 -26.44 11.58
CA VAL A 221 13.82 -25.22 11.78
C VAL A 221 12.99 -24.33 12.74
N TYR A 222 11.68 -24.19 12.51
CA TYR A 222 10.83 -23.44 13.51
C TYR A 222 10.97 -24.00 14.92
N LYS A 223 10.93 -25.33 15.04
CA LYS A 223 11.01 -25.97 16.32
C LYS A 223 12.31 -25.57 17.05
N GLU A 224 13.40 -25.63 16.30
CA GLU A 224 14.73 -25.33 16.84
C GLU A 224 14.77 -23.90 17.27
N LEU A 225 14.23 -22.99 16.46
CA LEU A 225 14.22 -21.61 16.82
C LEU A 225 13.41 -21.42 18.09
N LEU A 226 12.24 -22.08 18.20
CA LEU A 226 11.39 -21.92 19.40
C LEU A 226 12.04 -22.50 20.67
N GLN A 227 12.78 -23.58 20.53
CA GLN A 227 13.60 -24.16 21.63
C GLN A 227 14.60 -23.14 22.17
N LYS A 228 15.34 -22.53 21.25
CA LYS A 228 16.34 -21.53 21.59
C LYS A 228 15.73 -20.31 22.27
N LEU A 229 14.53 -19.93 21.83
CA LEU A 229 13.89 -18.76 22.44
C LEU A 229 13.46 -19.09 23.88
N LYS A 230 12.90 -20.28 24.08
CA LYS A 230 12.54 -20.77 25.41
C LYS A 230 13.76 -20.80 26.32
N GLU A 231 14.79 -21.54 25.91
CA GLU A 231 16.07 -21.52 26.64
C GLU A 231 16.51 -20.11 27.00
N ALA A 232 16.34 -19.12 26.11
CA ALA A 232 16.73 -17.70 26.43
C ALA A 232 15.81 -17.03 27.47
N GLY A 233 14.58 -17.57 27.64
CA GLY A 233 13.66 -17.13 28.69
C GLY A 233 12.33 -16.60 28.15
N ALA A 234 12.11 -16.70 26.84
CA ALA A 234 10.81 -16.38 26.25
C ALA A 234 9.77 -17.42 26.68
N GLU A 235 8.70 -16.97 27.29
CA GLU A 235 7.64 -17.85 27.76
C GLU A 235 6.45 -17.81 26.81
N GLN A 236 6.30 -16.70 26.05
CA GLN A 236 5.30 -16.64 24.97
C GLN A 236 5.91 -16.14 23.66
N VAL A 237 5.41 -16.68 22.53
CA VAL A 237 5.72 -16.20 21.23
C VAL A 237 4.47 -15.91 20.48
N GLN A 238 4.46 -14.73 19.83
CA GLN A 238 3.37 -14.32 18.96
C GLN A 238 3.70 -14.86 17.59
N ILE A 239 2.90 -15.78 17.09
CA ILE A 239 3.19 -16.45 15.84
C ILE A 239 2.08 -16.06 14.88
N ASP A 240 2.44 -15.21 13.90
CA ASP A 240 1.51 -14.56 13.01
C ASP A 240 1.06 -15.54 11.91
N GLU A 241 -0.25 -15.76 11.78
CA GLU A 241 -0.76 -16.55 10.66
C GLU A 241 -1.85 -15.77 9.99
N PRO A 242 -1.48 -14.60 9.42
CA PRO A 242 -2.53 -13.84 8.76
C PRO A 242 -3.18 -14.43 7.52
N VAL A 243 -2.62 -15.45 6.87
CA VAL A 243 -3.30 -16.06 5.75
C VAL A 243 -4.66 -16.69 6.16
N LEU A 244 -4.93 -16.84 7.45
CA LEU A 244 -6.25 -17.25 7.88
C LEU A 244 -7.38 -16.26 7.59
N VAL A 245 -7.07 -15.00 7.26
CA VAL A 245 -8.12 -14.11 6.82
C VAL A 245 -8.40 -14.18 5.34
N LEU A 246 -7.67 -15.04 4.64
CA LEU A 246 -7.88 -15.20 3.23
C LEU A 246 -8.72 -16.41 2.94
N ASP A 247 -9.17 -16.49 1.68
CA ASP A 247 -9.87 -17.70 1.17
C ASP A 247 -8.80 -18.79 0.99
N LEU A 248 -8.84 -19.88 1.75
CA LEU A 248 -7.80 -20.88 1.64
C LEU A 248 -8.41 -22.15 1.10
N PRO A 249 -7.73 -22.84 0.17
CA PRO A 249 -8.09 -24.22 -0.13
C PRO A 249 -8.10 -25.15 1.07
N GLU A 250 -8.95 -26.18 0.97
CA GLU A 250 -9.07 -27.12 2.05
C GLU A 250 -7.72 -27.76 2.41
N ALA A 251 -6.92 -28.12 1.39
CA ALA A 251 -5.65 -28.82 1.58
C ALA A 251 -4.60 -27.91 2.23
N VAL A 252 -4.77 -26.59 2.12
CA VAL A 252 -4.02 -25.64 2.96
C VAL A 252 -4.55 -25.50 4.38
N GLN A 253 -5.87 -25.45 4.56
CA GLN A 253 -6.41 -25.29 5.90
C GLN A 253 -6.01 -26.44 6.80
N SER A 254 -5.82 -27.64 6.24
CA SER A 254 -5.39 -28.81 7.04
C SER A 254 -3.95 -28.66 7.56
N LYS A 255 -3.14 -27.82 6.94
CA LYS A 255 -1.73 -27.69 7.38
C LYS A 255 -1.56 -27.03 8.75
N PHE A 256 -2.55 -26.30 9.23
CA PHE A 256 -2.38 -25.68 10.53
C PHE A 256 -2.25 -26.73 11.65
N LYS A 257 -3.09 -27.75 11.60
CA LYS A 257 -3.06 -28.82 12.60
C LYS A 257 -1.70 -29.48 12.53
N GLU A 258 -1.28 -29.85 11.30
CA GLU A 258 0.01 -30.47 11.09
C GLU A 258 1.13 -29.59 11.62
N ALA A 259 1.14 -28.30 11.28
CA ALA A 259 2.30 -27.46 11.68
C ALA A 259 2.31 -27.27 13.17
N TYR A 260 1.13 -26.98 13.75
CA TYR A 260 1.09 -26.66 15.18
C TYR A 260 1.22 -27.89 16.09
N ASP A 261 0.63 -29.04 15.70
CA ASP A 261 0.97 -30.30 16.42
C ASP A 261 2.49 -30.46 16.55
N ALA A 262 3.21 -30.24 15.45
CA ALA A 262 4.64 -30.44 15.48
C ALA A 262 5.35 -29.36 16.30
N LEU A 263 4.85 -28.14 16.39
CA LEU A 263 5.65 -27.14 17.09
C LEU A 263 5.49 -27.11 18.61
N VAL A 264 4.25 -27.32 19.06
CA VAL A 264 3.89 -27.18 20.47
C VAL A 264 4.50 -28.34 21.29
N GLY A 265 4.81 -28.07 22.56
CA GLY A 265 5.40 -29.09 23.47
C GLY A 265 5.99 -28.40 24.68
N ALA A 266 6.59 -29.16 25.60
CA ALA A 266 7.16 -28.60 26.85
C ALA A 266 8.49 -27.81 26.70
N ASP A 267 9.11 -27.92 25.54
CA ASP A 267 10.46 -27.40 25.33
C ASP A 267 10.38 -26.08 24.55
N VAL A 268 9.16 -25.60 24.27
CA VAL A 268 8.96 -24.36 23.50
C VAL A 268 8.08 -23.41 24.30
N PRO A 269 8.10 -22.12 23.93
CA PRO A 269 7.22 -21.19 24.60
C PRO A 269 5.79 -21.47 24.21
N GLU A 270 4.88 -20.92 25.00
CA GLU A 270 3.48 -20.87 24.64
C GLU A 270 3.28 -20.06 23.38
N LEU A 271 2.42 -20.51 22.47
CA LEU A 271 2.25 -19.82 21.20
C LEU A 271 0.93 -19.16 21.12
N ILE A 272 0.93 -17.93 20.65
CA ILE A 272 -0.29 -17.16 20.52
C ILE A 272 -0.47 -16.96 19.00
N LEU A 273 -1.41 -17.68 18.42
CA LEU A 273 -1.62 -17.67 17.02
C LEU A 273 -2.38 -16.45 16.65
N THR A 274 -1.76 -15.57 15.83
CA THR A 274 -2.21 -14.22 15.64
C THR A 274 -2.66 -13.95 14.18
N THR A 275 -3.87 -13.43 14.05
CA THR A 275 -4.49 -13.04 12.80
C THR A 275 -4.93 -11.59 12.85
N TYR A 276 -4.93 -10.95 11.68
CA TYR A 276 -5.31 -9.52 11.57
C TYR A 276 -5.73 -9.18 10.16
N PHE A 277 -6.45 -8.08 10.05
CA PHE A 277 -6.92 -7.52 8.81
C PHE A 277 -8.22 -8.16 8.25
N GLY A 278 -8.84 -9.10 8.94
CA GLY A 278 -10.01 -9.73 8.33
C GLY A 278 -10.65 -10.78 9.22
N ASP A 279 -11.44 -11.58 8.56
CA ASP A 279 -12.39 -12.48 9.14
C ASP A 279 -11.83 -13.91 8.99
N VAL A 280 -11.74 -14.64 10.10
CA VAL A 280 -11.21 -16.00 10.06
C VAL A 280 -12.29 -17.06 10.02
N ARG A 281 -13.56 -16.66 10.17
CA ARG A 281 -14.60 -17.61 10.37
C ARG A 281 -14.71 -18.66 9.25
N PRO A 282 -14.51 -18.28 7.98
CA PRO A 282 -14.60 -19.38 7.00
C PRO A 282 -13.51 -20.42 7.21
N ASN A 283 -12.45 -20.12 7.95
CA ASN A 283 -11.35 -21.07 8.13
C ASN A 283 -11.35 -21.67 9.57
N LEU A 284 -12.50 -21.58 10.23
CA LEU A 284 -12.55 -21.80 11.69
C LEU A 284 -12.31 -23.26 11.98
N LYS A 285 -12.69 -24.10 11.04
CA LYS A 285 -12.47 -25.52 11.14
C LYS A 285 -10.96 -25.89 11.23
N ALA A 286 -10.11 -25.07 10.62
CA ALA A 286 -8.70 -25.33 10.53
C ALA A 286 -7.97 -25.09 11.86
N ILE A 287 -8.54 -24.22 12.66
CA ILE A 287 -7.92 -23.87 13.91
C ILE A 287 -8.69 -24.29 15.17
N GLU A 288 -9.80 -25.01 15.01
CA GLU A 288 -10.66 -25.31 16.17
C GLU A 288 -10.04 -26.33 17.11
N ASN A 289 -9.04 -27.03 16.63
CA ASN A 289 -8.41 -28.02 17.45
C ASN A 289 -6.89 -27.93 17.51
N LEU A 290 -6.38 -26.73 17.67
CA LEU A 290 -4.95 -26.57 17.69
C LEU A 290 -4.44 -26.57 19.10
N PRO A 291 -3.23 -27.12 19.31
CA PRO A 291 -2.62 -27.21 20.59
C PRO A 291 -1.98 -25.91 21.09
N VAL A 292 -2.28 -24.80 20.46
CA VAL A 292 -1.66 -23.49 20.79
C VAL A 292 -2.22 -22.96 22.11
N ALA A 293 -1.54 -21.98 22.70
CA ALA A 293 -1.93 -21.45 24.03
C ALA A 293 -2.98 -20.33 23.90
N GLY A 294 -3.19 -19.80 22.71
CA GLY A 294 -4.12 -18.73 22.54
C GLY A 294 -4.18 -18.16 21.15
N PHE A 295 -5.10 -17.23 20.96
CA PHE A 295 -5.41 -16.70 19.61
C PHE A 295 -5.54 -15.18 19.72
N HIS A 296 -5.20 -14.47 18.64
CA HIS A 296 -5.49 -13.03 18.49
C HIS A 296 -6.34 -12.80 17.26
N PHE A 297 -7.42 -12.02 17.45
CA PHE A 297 -8.30 -11.65 16.32
C PHE A 297 -8.49 -10.14 16.26
N ASP A 298 -8.83 -9.67 15.06
CA ASP A 298 -8.87 -8.25 14.75
C ASP A 298 -10.32 -7.89 14.83
N PHE A 299 -10.68 -7.27 15.96
CA PHE A 299 -12.05 -6.85 16.16
C PHE A 299 -12.26 -5.36 15.79
N VAL A 300 -11.27 -4.71 15.18
CA VAL A 300 -11.46 -3.40 14.63
C VAL A 300 -12.02 -3.61 13.23
N ARG A 301 -11.37 -4.38 12.38
CA ARG A 301 -11.88 -4.65 11.04
C ARG A 301 -13.14 -5.57 11.06
N VAL A 302 -13.17 -6.53 11.98
CA VAL A 302 -14.27 -7.46 12.05
C VAL A 302 -14.79 -7.79 13.49
N PRO A 303 -15.38 -6.80 14.19
CA PRO A 303 -15.94 -7.05 15.50
C PRO A 303 -16.98 -8.14 15.49
N GLU A 304 -17.75 -8.26 14.42
CA GLU A 304 -18.84 -9.25 14.39
C GLU A 304 -18.36 -10.71 14.40
N GLN A 305 -17.06 -10.98 14.21
CA GLN A 305 -16.60 -12.38 14.32
C GLN A 305 -16.42 -12.89 15.74
N LEU A 306 -16.53 -11.99 16.72
CA LEU A 306 -16.23 -12.33 18.14
C LEU A 306 -16.93 -13.56 18.66
N ASP A 307 -18.26 -13.66 18.54
CA ASP A 307 -18.93 -14.80 19.13
C ASP A 307 -18.45 -16.13 18.58
N GLU A 308 -18.30 -16.23 17.25
CA GLU A 308 -17.91 -17.48 16.64
C GLU A 308 -16.44 -17.84 16.88
N VAL A 309 -15.52 -16.88 16.89
CA VAL A 309 -14.13 -17.24 17.16
C VAL A 309 -13.95 -17.56 18.65
N ALA A 310 -14.66 -16.86 19.53
CA ALA A 310 -14.55 -17.13 20.97
C ALA A 310 -15.05 -18.54 21.29
N SER A 311 -15.98 -19.06 20.51
CA SER A 311 -16.59 -20.35 20.77
C SER A 311 -15.65 -21.52 20.53
N ILE A 312 -14.59 -21.35 19.76
CA ILE A 312 -13.71 -22.47 19.56
C ILE A 312 -12.60 -22.48 20.57
N LEU A 313 -12.53 -21.52 21.46
CA LEU A 313 -11.48 -21.55 22.43
C LEU A 313 -11.69 -22.73 23.42
N LYS A 314 -10.65 -23.54 23.59
N LYS A 314 -10.62 -23.46 23.64
CA LYS A 314 -10.64 -24.55 24.62
CA LYS A 314 -10.57 -24.50 24.63
C LYS A 314 -10.25 -23.96 26.02
C LYS A 314 -10.22 -23.95 26.04
N ASP A 315 -10.51 -24.78 27.03
CA ASP A 315 -10.32 -24.43 28.41
C ASP A 315 -8.82 -24.21 28.57
N GLY A 316 -8.44 -23.02 29.01
CA GLY A 316 -7.04 -22.67 29.13
C GLY A 316 -6.52 -21.72 28.05
N GLN A 317 -7.11 -21.71 26.86
CA GLN A 317 -6.56 -20.85 25.83
C GLN A 317 -6.93 -19.37 26.05
N THR A 318 -6.05 -18.46 25.65
CA THR A 318 -6.36 -17.06 25.82
C THR A 318 -6.84 -16.42 24.54
N LEU A 319 -7.57 -15.34 24.71
CA LEU A 319 -8.15 -14.64 23.60
C LEU A 319 -7.66 -13.22 23.62
N SER A 320 -6.93 -12.83 22.58
CA SER A 320 -6.32 -11.49 22.53
C SER A 320 -7.25 -10.70 21.60
N ALA A 321 -7.89 -9.70 22.17
CA ALA A 321 -8.92 -8.97 21.48
C ALA A 321 -8.29 -7.71 20.89
N GLY A 322 -8.20 -7.69 19.57
CA GLY A 322 -7.67 -6.55 18.84
C GLY A 322 -8.67 -5.41 18.69
N VAL A 323 -8.50 -4.40 19.54
CA VAL A 323 -9.44 -3.32 19.66
C VAL A 323 -8.87 -1.91 19.53
N VAL A 324 -7.56 -1.74 19.39
CA VAL A 324 -6.97 -0.44 19.00
C VAL A 324 -6.31 -0.57 17.63
N ASP A 325 -6.81 0.19 16.65
CA ASP A 325 -6.47 0.02 15.23
C ASP A 325 -4.98 0.23 15.00
N GLY A 326 -4.32 -0.77 14.41
CA GLY A 326 -2.93 -0.68 14.01
C GLY A 326 -2.66 -0.02 12.69
N ARG A 327 -3.72 0.34 11.96
CA ARG A 327 -3.63 0.88 10.60
C ARG A 327 -4.26 2.26 10.33
N ASN A 328 -4.66 2.95 11.34
CA ASN A 328 -5.20 4.25 11.15
C ASN A 328 -4.87 5.05 12.37
N ILE A 329 -5.26 6.33 12.35
CA ILE A 329 -4.73 7.34 13.26
C ILE A 329 -5.78 8.01 14.16
N TRP A 330 -6.96 7.45 14.23
CA TRP A 330 -8.02 8.00 15.03
C TRP A 330 -7.90 7.55 16.49
N LYS A 331 -8.10 8.50 17.37
CA LYS A 331 -8.23 8.22 18.82
C LYS A 331 -9.32 7.20 18.97
N THR A 332 -9.02 6.17 19.74
CA THR A 332 -9.93 5.07 19.90
C THR A 332 -11.10 5.51 20.79
N ASP A 333 -12.29 5.01 20.52
CA ASP A 333 -13.50 5.25 21.35
C ASP A 333 -13.44 4.27 22.51
N PHE A 334 -13.03 4.69 23.68
CA PHE A 334 -12.79 3.72 24.78
C PHE A 334 -14.03 2.98 25.22
N ALA A 335 -15.19 3.61 25.09
CA ALA A 335 -16.43 2.99 25.53
C ALA A 335 -16.74 1.79 24.66
N LYS A 336 -16.70 1.99 23.35
CA LYS A 336 -16.95 0.94 22.38
C LYS A 336 -15.91 -0.13 22.40
N ALA A 337 -14.64 0.26 22.45
CA ALA A 337 -13.59 -0.73 22.52
C ALA A 337 -13.73 -1.57 23.78
N SER A 338 -14.09 -0.95 24.91
CA SER A 338 -14.18 -1.65 26.19
C SER A 338 -15.36 -2.64 26.18
N ALA A 339 -16.41 -2.27 25.47
CA ALA A 339 -17.57 -3.16 25.29
C ALA A 339 -17.22 -4.40 24.52
N VAL A 340 -16.34 -4.27 23.56
CA VAL A 340 -15.91 -5.43 22.78
C VAL A 340 -15.13 -6.33 23.66
N VAL A 341 -14.18 -5.76 24.39
CA VAL A 341 -13.38 -6.58 25.27
C VAL A 341 -14.28 -7.28 26.29
N GLN A 342 -15.31 -6.58 26.73
CA GLN A 342 -16.17 -7.08 27.78
C GLN A 342 -17.06 -8.27 27.20
N LYS A 343 -17.43 -8.19 25.93
CA LYS A 343 -18.09 -9.34 25.27
C LYS A 343 -17.13 -10.57 25.25
N ALA A 344 -15.84 -10.33 25.05
CA ALA A 344 -14.91 -11.39 25.05
C ALA A 344 -14.79 -11.97 26.44
N ILE A 345 -14.66 -11.09 27.43
CA ILE A 345 -14.53 -11.54 28.83
C ILE A 345 -15.71 -12.44 29.21
N GLU A 346 -16.90 -12.02 28.78
CA GLU A 346 -18.17 -12.70 29.17
C GLU A 346 -18.15 -14.11 28.56
N LYS A 347 -17.55 -14.28 27.38
CA LYS A 347 -17.45 -15.59 26.75
C LYS A 347 -16.39 -16.47 27.34
N VAL A 348 -15.20 -15.93 27.61
CA VAL A 348 -14.13 -16.82 28.02
C VAL A 348 -13.56 -16.61 29.40
N GLY A 349 -13.98 -15.54 30.08
CA GLY A 349 -13.42 -15.22 31.39
C GLY A 349 -12.31 -14.19 31.35
N LYS A 350 -12.35 -13.30 32.34
CA LYS A 350 -11.42 -12.18 32.48
C LYS A 350 -9.95 -12.59 32.59
N ASP A 351 -9.67 -13.73 33.22
CA ASP A 351 -8.26 -14.13 33.27
C ASP A 351 -7.74 -14.64 31.90
N LYS A 352 -8.61 -14.84 30.91
CA LYS A 352 -8.19 -15.38 29.63
C LYS A 352 -8.27 -14.36 28.52
N VAL A 353 -8.47 -13.08 28.85
CA VAL A 353 -8.58 -12.05 27.81
C VAL A 353 -7.44 -11.06 27.92
N VAL A 354 -7.02 -10.54 26.78
CA VAL A 354 -5.93 -9.59 26.70
C VAL A 354 -6.39 -8.49 25.80
N VAL A 355 -6.08 -7.25 26.14
CA VAL A 355 -6.44 -6.11 25.31
C VAL A 355 -5.26 -5.78 24.39
N ALA A 356 -5.47 -5.78 23.08
CA ALA A 356 -4.38 -5.67 22.10
C ALA A 356 -4.62 -4.64 21.02
N THR A 357 -3.53 -4.24 20.36
CA THR A 357 -3.63 -3.54 19.10
C THR A 357 -4.22 -4.53 18.06
N SER A 358 -4.94 -4.05 17.06
CA SER A 358 -5.61 -5.01 16.14
C SER A 358 -4.60 -5.73 15.29
N SER A 359 -3.56 -4.97 14.92
CA SER A 359 -2.45 -5.45 14.15
C SER A 359 -1.19 -4.79 14.74
N SER A 360 -0.04 -5.08 14.15
CA SER A 360 1.15 -4.28 14.44
C SER A 360 0.92 -2.79 14.16
N LEU A 361 1.53 -1.95 14.96
CA LEU A 361 1.51 -0.49 14.70
C LEU A 361 2.53 -0.04 13.66
N LEU A 362 3.21 -1.00 13.02
CA LEU A 362 4.02 -0.75 11.79
C LEU A 362 3.33 0.14 10.81
N HIS A 363 1.97 0.12 10.82
CA HIS A 363 1.19 0.82 9.79
C HIS A 363 0.71 2.15 10.23
N THR A 364 1.18 2.65 11.38
CA THR A 364 0.82 3.97 11.83
C THR A 364 2.08 4.78 12.13
N PRO A 365 1.99 6.11 12.07
CA PRO A 365 3.18 6.96 12.37
C PRO A 365 3.57 6.87 13.82
N VAL A 366 4.77 7.31 14.12
CA VAL A 366 5.34 7.04 15.44
C VAL A 366 4.74 7.85 16.57
N ASP A 367 4.59 9.17 16.37
CA ASP A 367 4.29 10.08 17.50
C ASP A 367 3.53 11.36 17.12
N LEU A 368 2.28 11.45 17.56
CA LEU A 368 1.48 12.62 17.35
C LEU A 368 2.12 13.90 17.98
N GLU A 369 2.90 13.73 19.05
CA GLU A 369 3.45 14.91 19.73
C GLU A 369 4.46 15.61 18.81
N SER A 370 4.79 15.00 17.68
CA SER A 370 5.72 15.67 16.76
C SER A 370 4.99 16.66 15.90
N GLU A 371 3.66 16.63 15.90
CA GLU A 371 2.91 17.53 15.04
C GLU A 371 2.78 18.93 15.65
N THR A 372 3.36 19.93 14.99
CA THR A 372 3.30 21.32 15.49
C THR A 372 2.32 22.24 14.75
N LYS A 373 1.80 21.80 13.62
CA LYS A 373 1.05 22.67 12.78
C LYS A 373 -0.41 22.41 12.94
N LEU A 374 -0.80 21.16 13.12
CA LEU A 374 -2.22 20.82 13.08
C LEU A 374 -3.00 21.65 14.05
N ASP A 375 -4.13 22.16 13.58
CA ASP A 375 -5.15 22.73 14.45
C ASP A 375 -5.44 21.80 15.62
N ALA A 376 -5.44 22.35 16.83
CA ALA A 376 -5.52 21.56 18.07
C ALA A 376 -6.83 20.79 18.31
N VAL A 377 -7.90 21.30 17.72
CA VAL A 377 -9.21 20.67 17.74
C VAL A 377 -9.17 19.34 16.93
N ILE A 378 -8.47 19.32 15.79
CA ILE A 378 -8.27 18.11 14.95
C ILE A 378 -7.33 17.12 15.64
N LYS A 379 -6.26 17.67 16.18
CA LYS A 379 -5.25 16.88 16.77
C LYS A 379 -5.87 16.05 17.88
N ASP A 380 -6.87 16.62 18.57
CA ASP A 380 -7.57 15.93 19.65
C ASP A 380 -8.26 14.65 19.21
N TRP A 381 -8.47 14.50 17.89
CA TRP A 381 -9.18 13.36 17.33
C TRP A 381 -8.24 12.22 16.98
N PHE A 382 -6.92 12.52 16.99
CA PHE A 382 -5.88 11.61 16.54
C PHE A 382 -5.12 10.91 17.72
N SER A 383 -4.57 9.74 17.42
CA SER A 383 -3.58 8.98 18.24
C SER A 383 -2.70 8.28 17.23
N PHE A 384 -1.38 8.48 17.30
CA PHE A 384 -0.41 7.75 16.55
C PHE A 384 0.17 6.58 17.43
N ALA A 385 1.28 5.96 16.98
CA ALA A 385 1.70 4.69 17.59
C ALA A 385 1.92 4.87 19.09
N THR A 386 2.65 5.92 19.48
CA THR A 386 2.97 6.19 20.86
C THR A 386 1.74 6.36 21.74
N GLN A 387 0.73 7.03 21.20
CA GLN A 387 -0.50 7.27 21.92
C GLN A 387 -1.34 5.97 22.01
N LYS A 388 -1.33 5.15 20.97
CA LYS A 388 -2.02 3.84 21.01
C LYS A 388 -1.48 2.94 22.14
N LEU A 389 -0.21 3.13 22.53
CA LEU A 389 0.34 2.45 23.73
C LEU A 389 -0.53 2.81 24.98
N ASP A 390 -0.88 4.07 25.14
CA ASP A 390 -1.57 4.53 26.35
C ASP A 390 -3.01 4.09 26.30
N GLU A 391 -3.54 4.07 25.09
CA GLU A 391 -4.87 3.59 24.87
C GLU A 391 -5.05 2.12 25.24
N VAL A 392 -4.20 1.22 24.77
CA VAL A 392 -4.35 -0.20 25.22
C VAL A 392 -4.22 -0.33 26.74
N VAL A 393 -3.33 0.44 27.35
CA VAL A 393 -3.23 0.41 28.81
C VAL A 393 -4.53 0.85 29.55
N VAL A 394 -5.08 2.02 29.20
CA VAL A 394 -6.30 2.54 29.81
C VAL A 394 -7.47 1.53 29.64
N ILE A 395 -7.65 0.98 28.44
CA ILE A 395 -8.75 0.03 28.23
C ILE A 395 -8.62 -1.21 29.11
N ALA A 396 -7.41 -1.78 29.12
CA ALA A 396 -7.08 -2.88 30.04
C ALA A 396 -7.45 -2.55 31.47
N LYS A 397 -7.00 -1.41 31.97
CA LYS A 397 -7.29 -1.04 33.35
C LYS A 397 -8.77 -0.86 33.61
N ASN A 398 -9.46 -0.30 32.62
CA ASN A 398 -10.87 -0.06 32.74
C ASN A 398 -11.60 -1.40 32.89
N VAL A 399 -11.32 -2.40 32.06
CA VAL A 399 -12.12 -3.65 32.18
C VAL A 399 -11.67 -4.44 33.38
N SER A 400 -10.48 -4.13 33.89
CA SER A 400 -10.03 -4.74 35.10
C SER A 400 -10.74 -4.15 36.33
N GLY A 401 -11.35 -3.00 36.20
CA GLY A 401 -12.00 -2.35 37.35
C GLY A 401 -11.16 -1.30 38.07
N GLU A 402 -10.09 -0.81 37.48
CA GLU A 402 -9.42 0.36 38.02
C GLU A 402 -10.22 1.60 37.65
N ASP A 403 -10.10 2.62 38.47
CA ASP A 403 -10.81 3.88 38.24
C ASP A 403 -10.01 4.71 37.27
N VAL A 404 -10.47 4.73 36.02
CA VAL A 404 -9.90 5.56 34.98
C VAL A 404 -10.99 6.47 34.43
N SER A 405 -11.92 6.88 35.32
CA SER A 405 -13.03 7.76 34.97
C SER A 405 -12.56 9.00 34.21
N LYS A 406 -11.49 9.63 34.66
CA LYS A 406 -11.07 10.87 34.07
C LYS A 406 -10.57 10.67 32.64
N GLN A 407 -9.84 9.58 32.40
CA GLN A 407 -9.45 9.24 31.05
C GLN A 407 -10.65 8.91 30.19
N LEU A 408 -11.62 8.19 30.76
CA LEU A 408 -12.84 7.88 30.02
C LEU A 408 -13.58 9.14 29.61
N GLU A 409 -13.70 10.11 30.53
CA GLU A 409 -14.49 11.29 30.23
C GLU A 409 -13.75 12.16 29.21
N ALA A 410 -12.45 12.26 29.35
CA ALA A 410 -11.69 13.03 28.42
C ALA A 410 -11.86 12.35 27.02
N ASN A 411 -11.85 11.01 26.99
CA ASN A 411 -11.95 10.31 25.72
C ASN A 411 -13.35 10.50 25.06
N ALA A 412 -14.39 10.33 25.87
CA ALA A 412 -15.76 10.62 25.46
C ALA A 412 -15.94 12.05 24.94
N ALA A 413 -15.33 13.02 25.59
CA ALA A 413 -15.47 14.41 25.12
C ALA A 413 -14.81 14.58 23.74
N SER A 414 -13.72 13.83 23.50
CA SER A 414 -13.00 13.94 22.23
C SER A 414 -13.84 13.34 21.12
N ILE A 415 -14.35 12.16 21.38
CA ILE A 415 -15.21 11.45 20.44
C ILE A 415 -16.42 12.31 20.03
N LYS A 416 -17.05 12.93 21.03
CA LYS A 416 -18.23 13.72 20.77
C LYS A 416 -17.88 15.03 20.00
N ALA A 417 -16.79 15.67 20.38
CA ALA A 417 -16.38 16.87 19.65
C ALA A 417 -16.26 16.54 18.14
N ARG A 418 -15.77 15.36 17.83
CA ARG A 418 -15.50 15.02 16.45
C ARG A 418 -16.80 14.73 15.72
N SER A 419 -17.63 13.92 16.35
CA SER A 419 -18.91 13.59 15.81
C SER A 419 -19.83 14.81 15.53
N GLU A 420 -19.76 15.83 16.35
CA GLU A 420 -20.57 17.00 16.17
C GLU A 420 -19.91 18.08 15.32
N SER A 421 -18.66 17.92 14.89
CA SER A 421 -17.96 19.05 14.26
C SER A 421 -18.54 19.40 12.88
N SER A 422 -18.54 20.67 12.52
CA SER A 422 -18.96 21.04 11.16
C SER A 422 -18.00 20.43 10.12
N ILE A 423 -16.72 20.32 10.46
CA ILE A 423 -15.78 19.63 9.56
C ILE A 423 -16.23 18.22 9.24
N THR A 424 -16.76 17.53 10.22
CA THR A 424 -17.08 16.15 9.93
C THR A 424 -18.24 16.15 8.99
N ASN A 425 -19.24 17.00 9.22
CA ASN A 425 -20.48 16.95 8.45
C ASN A 425 -20.81 18.20 7.65
N ASP A 426 -20.72 18.14 6.33
CA ASP A 426 -21.00 19.25 5.48
C ASP A 426 -22.33 18.91 4.81
N PRO A 427 -23.39 19.73 5.06
CA PRO A 427 -24.71 19.47 4.50
C PRO A 427 -24.78 19.54 2.97
N LYS A 428 -23.97 20.43 2.42
CA LYS A 428 -23.85 20.64 1.02
C LYS A 428 -23.32 19.35 0.39
N VAL A 429 -22.34 18.73 1.05
CA VAL A 429 -21.74 17.51 0.50
C VAL A 429 -22.76 16.40 0.67
N GLN A 430 -23.44 16.34 1.81
CA GLN A 430 -24.46 15.29 2.01
C GLN A 430 -25.61 15.33 0.98
N GLU A 431 -26.09 16.52 0.70
CA GLU A 431 -27.07 16.74 -0.36
C GLU A 431 -26.57 16.20 -1.70
N ARG A 432 -25.34 16.55 -2.00
CA ARG A 432 -24.83 16.20 -3.29
C ARG A 432 -24.70 14.69 -3.43
N LEU A 433 -24.38 14.01 -2.34
CA LEU A 433 -24.36 12.54 -2.38
C LEU A 433 -25.72 11.95 -2.75
N THR A 434 -26.79 12.60 -2.37
CA THR A 434 -28.11 12.09 -2.66
C THR A 434 -28.37 12.09 -4.19
N THR A 435 -27.51 12.73 -4.98
CA THR A 435 -27.71 12.78 -6.43
C THR A 435 -27.01 11.66 -7.17
N ILE A 436 -26.25 10.82 -6.48
CA ILE A 436 -25.56 9.76 -7.17
C ILE A 436 -26.55 8.71 -7.70
N ASN A 437 -26.45 8.43 -8.99
CA ASN A 437 -27.24 7.38 -9.64
C ASN A 437 -26.50 6.89 -10.91
N GLU A 438 -27.03 5.83 -11.56
CA GLU A 438 -26.47 5.29 -12.83
C GLU A 438 -26.38 6.36 -13.87
N ALA A 439 -27.35 7.26 -13.90
CA ALA A 439 -27.34 8.26 -14.90
C ALA A 439 -26.23 9.31 -14.70
N LEU A 440 -25.90 9.61 -13.46
CA LEU A 440 -24.76 10.55 -13.20
C LEU A 440 -23.42 9.87 -13.52
N ALA A 441 -23.46 8.56 -13.61
CA ALA A 441 -22.33 7.75 -13.85
C ALA A 441 -22.43 7.16 -15.26
N THR A 442 -23.10 7.83 -16.20
CA THR A 442 -23.13 7.35 -17.55
C THR A 442 -22.84 8.48 -18.52
N ARG A 443 -22.04 8.20 -19.55
CA ARG A 443 -21.73 9.18 -20.60
C ARG A 443 -22.98 9.47 -21.40
N LYS A 444 -23.05 10.67 -21.96
CA LYS A 444 -24.19 11.12 -22.79
C LYS A 444 -24.53 10.13 -23.91
N ALA A 445 -23.54 9.49 -24.51
CA ALA A 445 -23.80 8.51 -25.55
C ALA A 445 -22.71 7.46 -25.41
N ALA A 446 -22.97 6.30 -25.97
CA ALA A 446 -22.09 5.13 -25.92
C ALA A 446 -20.86 5.26 -26.86
N PHE A 447 -19.82 4.48 -26.57
CA PHE A 447 -18.49 4.68 -27.17
C PHE A 447 -18.44 4.84 -28.70
N PRO A 448 -19.17 3.98 -29.43
CA PRO A 448 -19.13 4.05 -30.85
C PRO A 448 -19.59 5.38 -31.41
N GLU A 449 -20.67 5.96 -30.89
N GLU A 449 -20.67 5.95 -30.87
CA GLU A 449 -21.08 7.29 -31.33
CA GLU A 449 -21.12 7.26 -31.33
C GLU A 449 -20.05 8.32 -30.88
C GLU A 449 -20.17 8.37 -30.81
N ARG A 450 -19.49 8.14 -29.68
CA ARG A 450 -18.45 9.08 -29.20
C ARG A 450 -17.23 9.04 -30.09
N LEU A 451 -16.84 7.85 -30.51
CA LEU A 451 -15.68 7.72 -31.38
C LEU A 451 -15.81 8.53 -32.68
N THR A 452 -17.01 8.65 -33.21
CA THR A 452 -17.27 9.34 -34.43
C THR A 452 -16.98 10.83 -34.24
N GLU A 453 -17.42 11.35 -33.12
CA GLU A 453 -17.16 12.75 -32.80
C GLU A 453 -15.69 13.01 -32.40
N GLN A 454 -15.05 12.05 -31.74
CA GLN A 454 -13.63 12.21 -31.40
C GLN A 454 -12.70 12.15 -32.62
N LYS A 455 -13.01 11.28 -33.58
CA LYS A 455 -12.32 11.21 -34.87
C LYS A 455 -12.47 12.52 -35.63
N ALA A 456 -13.65 13.08 -35.71
CA ALA A 456 -13.80 14.39 -36.34
C ALA A 456 -13.05 15.48 -35.58
N LYS A 457 -13.03 15.38 -34.26
CA LYS A 457 -12.43 16.45 -33.51
C LYS A 457 -10.90 16.39 -33.56
N TYR A 458 -10.29 15.25 -33.39
CA TYR A 458 -8.82 15.20 -33.25
C TYR A 458 -8.12 14.60 -34.47
N ASN A 459 -8.82 13.74 -35.22
CA ASN A 459 -8.30 13.09 -36.39
C ASN A 459 -7.02 12.34 -36.09
N LEU A 460 -7.00 11.61 -34.98
CA LEU A 460 -5.79 10.97 -34.58
C LEU A 460 -5.51 9.90 -35.63
N PRO A 461 -4.23 9.60 -35.90
CA PRO A 461 -3.94 8.48 -36.84
C PRO A 461 -4.10 7.12 -36.21
N LEU A 462 -4.02 6.09 -37.01
CA LEU A 462 -3.83 4.77 -36.47
C LEU A 462 -2.51 4.71 -35.65
N PHE A 463 -2.43 3.79 -34.69
CA PHE A 463 -1.27 3.73 -33.80
C PHE A 463 -0.96 5.12 -33.27
N PRO A 464 -1.95 5.73 -32.63
CA PRO A 464 -1.63 7.04 -32.04
C PRO A 464 -0.65 6.86 -30.89
N THR A 465 0.27 7.79 -30.74
CA THR A 465 1.25 7.64 -29.68
C THR A 465 1.03 8.66 -28.60
N THR A 466 1.33 8.28 -27.38
CA THR A 466 1.21 9.17 -26.26
C THR A 466 2.07 8.63 -25.13
N THR A 467 2.09 9.36 -24.02
CA THR A 467 2.75 8.89 -22.83
C THR A 467 1.77 9.04 -21.65
N ILE A 468 2.28 8.73 -20.48
CA ILE A 468 1.45 8.58 -19.31
C ILE A 468 1.44 9.81 -18.44
N GLY A 469 2.44 10.67 -18.53
CA GLY A 469 2.35 11.98 -17.91
C GLY A 469 3.61 12.69 -17.46
N SER A 470 4.41 11.99 -16.66
CA SER A 470 5.54 12.63 -15.99
C SER A 470 6.77 12.48 -16.85
N PHE A 471 7.63 13.48 -16.83
CA PHE A 471 8.91 13.38 -17.50
C PHE A 471 10.08 13.54 -16.51
N PRO A 472 11.30 13.12 -16.92
CA PRO A 472 12.46 13.21 -16.01
C PRO A 472 12.49 14.54 -15.24
N GLN A 473 12.59 14.44 -13.92
CA GLN A 473 12.40 15.58 -13.01
C GLN A 473 13.66 16.43 -12.95
N THR A 474 13.79 17.44 -13.83
CA THR A 474 15.07 18.20 -13.95
C THR A 474 15.58 18.62 -12.56
N LYS A 475 16.86 18.33 -12.29
CA LYS A 475 17.51 18.74 -11.04
C LYS A 475 17.31 20.25 -10.85
N ASP A 476 17.49 21.01 -11.94
CA ASP A 476 17.17 22.45 -11.98
C ASP A 476 15.81 22.75 -11.34
N ILE A 477 14.74 22.13 -11.85
CA ILE A 477 13.37 22.31 -11.34
C ILE A 477 13.22 21.88 -9.87
N ARG A 478 13.76 20.72 -9.53
CA ARG A 478 13.60 20.19 -8.17
C ARG A 478 14.44 21.03 -7.19
N ILE A 479 15.54 21.62 -7.68
CA ILE A 479 16.25 22.68 -6.94
C ILE A 479 15.27 23.85 -6.71
N ASN A 480 14.67 24.35 -7.80
CA ASN A 480 13.76 25.53 -7.76
C ASN A 480 12.48 25.34 -6.96
N ARG A 481 11.95 24.12 -6.96
CA ARG A 481 10.93 23.70 -6.01
C ARG A 481 11.40 24.02 -4.57
N ASN A 482 12.57 23.49 -4.21
CA ASN A 482 13.19 23.66 -2.88
C ASN A 482 13.50 25.14 -2.59
N LYS A 483 13.81 25.88 -3.65
CA LYS A 483 14.00 27.32 -3.56
C LYS A 483 12.67 28.07 -3.36
N PHE A 484 11.59 27.69 -4.08
CA PHE A 484 10.29 28.37 -3.89
C PHE A 484 9.84 28.22 -2.43
N ALA A 485 9.96 27.00 -1.92
CA ALA A 485 9.94 26.71 -0.50
C ALA A 485 11.07 27.44 0.17
N GLY A 487 10.62 30.89 -0.74
CA GLY A 487 11.06 32.16 -0.18
C GLY A 487 12.27 32.76 -0.87
N GLN A 488 13.11 31.91 -1.47
CA GLN A 488 14.32 32.35 -2.18
C GLN A 488 14.02 32.76 -3.61
N ILE A 489 12.83 32.35 -4.11
CA ILE A 489 12.21 32.94 -5.31
C ILE A 489 10.70 33.10 -5.02
N THR A 490 10.09 34.11 -5.62
CA THR A 490 8.65 34.36 -5.43
C THR A 490 7.80 33.57 -6.43
N ALA A 491 6.49 33.59 -6.19
CA ALA A 491 5.51 32.77 -6.94
C ALA A 491 5.73 32.79 -8.44
N GLU A 492 5.99 33.97 -8.99
CA GLU A 492 6.02 34.13 -10.45
C GLU A 492 7.30 33.51 -11.00
N GLU A 493 8.44 33.83 -10.41
CA GLU A 493 9.65 33.08 -10.73
C GLU A 493 9.37 31.55 -10.59
N TYR A 494 8.45 31.19 -9.69
CA TYR A 494 8.01 29.81 -9.59
C TYR A 494 7.17 29.43 -10.84
N GLU A 495 6.12 30.20 -11.12
CA GLU A 495 5.34 30.08 -12.37
C GLU A 495 6.23 29.91 -13.60
N ALA A 496 7.07 30.92 -13.86
CA ALA A 496 7.94 30.98 -15.05
C ALA A 496 8.78 29.73 -15.24
N PHE A 497 9.28 29.19 -14.12
CA PHE A 497 10.14 27.99 -14.12
C PHE A 497 9.33 26.75 -14.41
N ILE A 498 8.26 26.53 -13.64
CA ILE A 498 7.27 25.47 -13.96
C ILE A 498 6.96 25.57 -15.46
N ASN A 499 6.55 26.76 -15.89
CA ASN A 499 6.22 27.00 -17.31
C ASN A 499 7.32 26.68 -18.31
N LYS A 500 8.58 27.03 -18.03
CA LYS A 500 9.65 26.65 -18.96
C LYS A 500 9.81 25.12 -18.99
N GLU A 501 9.68 24.47 -17.85
CA GLU A 501 9.78 23.01 -17.89
C GLU A 501 8.71 22.41 -18.77
N ILE A 502 7.48 22.87 -18.58
CA ILE A 502 6.35 22.44 -19.41
C ILE A 502 6.71 22.66 -20.90
N GLU A 503 7.11 23.87 -21.26
CA GLU A 503 7.54 24.17 -22.64
C GLU A 503 8.56 23.20 -23.20
N THR A 504 9.58 22.93 -22.40
CA THR A 504 10.62 22.02 -22.78
C THR A 504 10.05 20.65 -23.15
N VAL A 505 9.20 20.14 -22.27
CA VAL A 505 8.65 18.83 -22.44
C VAL A 505 7.72 18.84 -23.67
N VAL A 506 6.94 19.90 -23.83
CA VAL A 506 6.01 19.97 -24.94
C VAL A 506 6.77 20.02 -26.25
N ARG A 507 7.72 20.94 -26.32
CA ARG A 507 8.58 21.06 -27.50
C ARG A 507 9.23 19.71 -27.79
N PHE A 508 9.75 19.09 -26.74
CA PHE A 508 10.35 17.77 -26.89
C PHE A 508 9.41 16.77 -27.53
N GLN A 509 8.19 16.70 -27.01
CA GLN A 509 7.24 15.76 -27.58
C GLN A 509 6.85 16.08 -29.02
N GLU A 510 6.69 17.36 -29.35
CA GLU A 510 6.47 17.75 -30.77
C GLU A 510 7.63 17.26 -31.60
N GLU A 511 8.84 17.68 -31.23
CA GLU A 511 10.03 17.24 -31.97
C GLU A 511 9.95 15.74 -32.32
N ILE A 512 9.70 14.86 -31.35
CA ILE A 512 9.70 13.42 -31.68
C ILE A 512 8.40 12.90 -32.30
N GLY A 513 7.42 13.79 -32.51
CA GLY A 513 6.18 13.48 -33.22
C GLY A 513 5.13 12.64 -32.48
N LEU A 514 5.08 12.74 -31.15
CA LEU A 514 4.01 12.11 -30.38
C LEU A 514 2.67 12.79 -30.72
N ASP A 515 1.58 12.03 -30.63
CA ASP A 515 0.24 12.52 -31.11
C ASP A 515 -0.60 13.24 -30.05
N VAL A 516 -0.61 12.70 -28.85
CA VAL A 516 -1.36 13.24 -27.70
C VAL A 516 -0.33 13.50 -26.59
N LEU A 517 -0.13 14.77 -26.28
CA LEU A 517 0.89 15.23 -25.38
C LEU A 517 0.50 15.24 -23.92
N VAL A 518 1.51 15.37 -23.06
CA VAL A 518 1.30 15.61 -21.61
C VAL A 518 2.09 16.84 -21.25
N HIS A 519 1.91 17.37 -20.03
CA HIS A 519 2.67 18.54 -19.60
C HIS A 519 3.87 18.24 -18.74
N GLY A 520 4.00 17.00 -18.27
CA GLY A 520 5.16 16.58 -17.52
C GLY A 520 5.02 16.58 -16.02
N GLU A 521 4.01 17.28 -15.49
CA GLU A 521 3.72 17.35 -14.04
C GLU A 521 4.85 17.95 -13.13
N PRO A 522 5.65 18.89 -13.66
CA PRO A 522 6.72 19.43 -12.82
C PRO A 522 6.26 20.08 -11.52
N GLU A 523 5.05 20.63 -11.54
CA GLU A 523 4.44 21.29 -10.37
C GLU A 523 4.01 20.33 -9.25
N ARG A 524 4.10 19.03 -9.47
CA ARG A 524 3.51 18.04 -8.56
C ARG A 524 4.60 17.27 -7.88
N ASN A 525 4.50 17.31 -6.56
CA ASN A 525 5.36 16.61 -5.61
C ASN A 525 5.01 15.09 -5.47
N ASP A 526 3.72 14.80 -5.49
CA ASP A 526 3.19 13.52 -5.01
C ASP A 526 1.80 13.45 -5.62
N MET A 527 1.39 12.30 -6.12
CA MET A 527 0.16 12.29 -6.92
C MET A 527 -1.11 12.34 -6.06
N VAL A 528 -0.95 12.23 -4.76
CA VAL A 528 -2.09 12.24 -3.90
C VAL A 528 -2.17 13.53 -3.08
N GLN A 529 -1.12 13.83 -2.37
CA GLN A 529 -1.06 15.06 -1.62
C GLN A 529 -1.26 16.32 -2.50
N TYR A 530 -0.76 16.32 -3.72
CA TYR A 530 -1.01 17.46 -4.58
C TYR A 530 -2.54 17.81 -4.65
N PHE A 531 -3.41 16.81 -4.62
CA PHE A 531 -4.87 17.00 -4.69
C PHE A 531 -5.44 17.23 -3.30
N GLY A 532 -5.05 16.39 -2.37
CA GLY A 532 -5.48 16.50 -1.00
C GLY A 532 -5.38 17.88 -0.40
N GLU A 533 -4.28 18.58 -0.69
CA GLU A 533 -4.05 19.91 -0.17
C GLU A 533 -4.98 20.89 -0.74
N GLN A 534 -5.60 20.57 -1.88
CA GLN A 534 -6.51 21.49 -2.54
C GLN A 534 -7.95 21.10 -2.33
N LEU A 535 -8.22 20.22 -1.38
CA LEU A 535 -9.58 19.70 -1.20
C LEU A 535 -10.00 20.00 0.20
N ASN A 536 -11.26 20.35 0.39
CA ASN A 536 -11.77 20.41 1.74
C ASN A 536 -11.93 18.99 2.27
N GLY A 537 -11.79 18.84 3.58
CA GLY A 537 -11.98 17.55 4.23
C GLY A 537 -10.71 16.76 4.55
N PHE A 538 -9.56 17.37 4.26
CA PHE A 538 -8.22 16.75 4.48
C PHE A 538 -7.44 17.50 5.53
N ALA A 539 -6.53 16.81 6.24
CA ALA A 539 -5.52 17.41 7.10
C ALA A 539 -4.22 16.71 6.73
N PHE A 540 -3.12 17.36 7.07
CA PHE A 540 -1.75 16.90 6.72
C PHE A 540 -0.90 17.00 7.93
N THR A 541 0.05 16.08 8.04
CA THR A 541 1.04 16.09 9.13
C THR A 541 2.38 16.58 8.61
N THR A 542 3.27 16.96 9.52
CA THR A 542 4.67 17.23 9.16
C THR A 542 5.56 16.00 9.34
N ASN A 543 5.15 15.07 10.22
CA ASN A 543 6.01 13.95 10.63
C ASN A 543 5.31 12.59 10.65
N GLY A 544 4.17 12.48 9.96
CA GLY A 544 3.30 11.32 10.09
C GLY A 544 3.77 10.27 9.14
N TRP A 545 5.06 9.91 9.25
CA TRP A 545 5.69 9.02 8.30
C TRP A 545 5.37 7.53 8.65
N VAL A 546 5.14 6.74 7.62
CA VAL A 546 4.87 5.29 7.77
C VAL A 546 5.71 4.57 6.74
N GLN A 547 6.32 3.44 7.11
CA GLN A 547 7.20 2.74 6.22
C GLN A 547 6.38 2.12 5.05
N SER A 548 6.80 2.35 3.79
CA SER A 548 6.17 1.70 2.65
C SER A 548 6.99 0.50 2.21
N TYR A 549 8.30 0.70 1.98
CA TYR A 549 9.19 -0.42 1.78
C TYR A 549 10.67 -0.02 1.91
N GLY A 550 11.44 -0.92 2.45
CA GLY A 550 12.80 -0.63 2.86
C GLY A 550 12.83 0.75 3.53
N SER A 551 13.64 1.67 3.00
CA SER A 551 13.84 2.93 3.65
C SER A 551 12.99 3.99 3.04
N ARG A 552 12.03 3.58 2.21
CA ARG A 552 11.16 4.49 1.55
C ARG A 552 9.84 4.60 2.33
N TYR A 553 9.50 5.81 2.76
CA TYR A 553 8.42 6.09 3.70
C TYR A 553 7.48 7.00 3.03
N VAL A 554 6.21 6.98 3.44
CA VAL A 554 5.23 7.89 2.93
C VAL A 554 4.62 8.60 4.10
N ARG A 555 4.01 9.74 3.79
CA ARG A 555 3.39 10.52 4.80
C ARG A 555 2.00 10.72 4.30
N PRO A 556 1.08 9.85 4.66
CA PRO A 556 -0.21 10.00 3.99
C PRO A 556 -1.02 11.21 4.45
N PRO A 557 -1.85 11.79 3.53
CA PRO A 557 -2.89 12.69 3.98
C PRO A 557 -3.88 11.97 4.82
N ILE A 558 -4.58 12.76 5.62
CA ILE A 558 -5.66 12.30 6.46
C ILE A 558 -7.01 12.88 6.01
N ILE A 559 -8.00 12.00 5.75
CA ILE A 559 -9.36 12.44 5.50
C ILE A 559 -10.06 12.59 6.83
N VAL A 560 -10.35 13.84 7.17
CA VAL A 560 -10.96 14.20 8.43
C VAL A 560 -12.44 14.45 8.38
N GLY A 561 -12.99 14.78 7.20
CA GLY A 561 -14.40 15.00 7.07
C GLY A 561 -14.89 14.98 5.62
N ASP A 562 -16.08 15.52 5.42
CA ASP A 562 -16.70 15.50 4.13
C ASP A 562 -15.86 16.25 3.12
N VAL A 563 -15.62 15.60 2.00
CA VAL A 563 -14.74 16.12 1.00
C VAL A 563 -15.49 16.87 -0.06
N SER A 564 -14.92 18.03 -0.40
CA SER A 564 -15.39 18.85 -1.54
C SER A 564 -14.21 19.58 -2.13
N ARG A 565 -14.46 20.20 -3.29
CA ARG A 565 -13.43 20.95 -4.03
C ARG A 565 -13.79 22.42 -4.12
N PRO A 566 -13.03 23.29 -3.45
CA PRO A 566 -13.47 24.71 -3.56
C PRO A 566 -13.15 25.39 -4.90
N LYS A 567 -12.24 24.84 -5.69
CA LYS A 567 -11.63 25.65 -6.73
C LYS A 567 -10.76 24.78 -7.66
N ALA A 568 -10.48 25.28 -8.87
CA ALA A 568 -9.63 24.64 -9.84
C ALA A 568 -8.30 24.26 -9.25
N MET A 569 -7.90 23.03 -9.48
CA MET A 569 -6.67 22.46 -8.89
C MET A 569 -5.56 22.30 -9.89
N THR A 570 -5.91 22.12 -11.16
CA THR A 570 -4.93 21.70 -12.19
C THR A 570 -5.06 22.48 -13.44
N VAL A 571 -6.08 23.31 -13.54
CA VAL A 571 -6.44 23.91 -14.78
C VAL A 571 -5.30 24.80 -15.29
N LYS A 572 -4.74 25.62 -14.40
CA LYS A 572 -3.80 26.67 -14.83
C LYS A 572 -2.65 26.08 -15.62
N GLU A 573 -2.00 25.06 -15.07
CA GLU A 573 -0.87 24.44 -15.75
C GLU A 573 -1.30 23.66 -17.04
N SER A 574 -2.46 23.02 -17.04
CA SER A 574 -2.93 22.35 -18.25
C SER A 574 -3.25 23.34 -19.35
N VAL A 575 -3.83 24.50 -19.00
CA VAL A 575 -4.18 25.52 -19.98
C VAL A 575 -2.89 26.08 -20.61
N TYR A 576 -1.91 26.35 -19.76
CA TYR A 576 -0.65 26.83 -20.26
C TYR A 576 -0.04 25.86 -21.24
N ALA A 577 0.06 24.57 -20.87
CA ALA A 577 0.61 23.55 -21.78
C ALA A 577 -0.17 23.45 -23.09
N GLN A 578 -1.46 23.63 -23.08
CA GLN A 578 -2.26 23.49 -24.29
C GLN A 578 -2.13 24.78 -25.15
N SER A 579 -1.89 25.92 -24.52
CA SER A 579 -1.70 27.18 -25.25
C SER A 579 -0.45 27.19 -26.15
N ILE A 580 0.57 26.42 -25.82
CA ILE A 580 1.84 26.43 -26.61
C ILE A 580 1.95 25.29 -27.65
N THR A 581 0.87 24.53 -27.88
CA THR A 581 0.89 23.48 -28.89
C THR A 581 -0.46 23.28 -29.51
N SER A 582 -0.48 22.95 -30.80
CA SER A 582 -1.72 22.62 -31.48
C SER A 582 -2.02 21.12 -31.37
N LYS A 583 -1.14 20.32 -30.76
CA LYS A 583 -1.53 18.95 -30.45
C LYS A 583 -2.47 18.89 -29.23
N PRO A 584 -3.30 17.87 -29.14
CA PRO A 584 -4.15 17.77 -27.97
C PRO A 584 -3.34 17.44 -26.69
N MET A 585 -3.61 18.17 -25.60
CA MET A 585 -2.94 18.06 -24.33
C MET A 585 -3.81 17.33 -23.32
N LYS A 586 -3.24 16.32 -22.64
CA LYS A 586 -4.00 15.62 -21.64
C LYS A 586 -3.99 16.39 -20.35
N GLY A 587 -5.18 16.66 -19.83
CA GLY A 587 -5.22 16.93 -18.41
C GLY A 587 -4.92 15.66 -17.64
N MET A 588 -4.63 15.78 -16.34
CA MET A 588 -4.06 14.71 -15.55
C MET A 588 -4.56 14.78 -14.11
N LEU A 589 -5.35 13.78 -13.75
CA LEU A 589 -5.94 13.66 -12.43
C LEU A 589 -5.63 12.29 -11.80
N THR A 590 -5.52 12.28 -10.47
CA THR A 590 -5.42 11.05 -9.74
C THR A 590 -6.83 10.64 -9.36
N GLY A 591 -7.19 9.37 -9.48
CA GLY A 591 -8.60 9.01 -9.29
C GLY A 591 -8.99 8.97 -7.82
N PRO A 592 -10.29 8.80 -7.56
CA PRO A 592 -10.84 8.78 -6.23
C PRO A 592 -10.49 7.62 -5.36
N VAL A 593 -10.37 6.44 -5.92
CA VAL A 593 -10.00 5.29 -5.14
C VAL A 593 -8.55 5.38 -4.69
N THR A 594 -7.69 5.82 -5.58
CA THR A 594 -6.32 6.06 -5.21
C THR A 594 -6.14 7.17 -4.14
N ILE A 595 -6.81 8.29 -4.26
CA ILE A 595 -6.75 9.24 -3.19
C ILE A 595 -7.21 8.63 -1.88
N LEU A 596 -8.28 7.86 -1.91
CA LEU A 596 -8.77 7.22 -0.68
C LEU A 596 -7.73 6.21 -0.08
N ARG A 597 -7.27 5.28 -0.92
CA ARG A 597 -6.40 4.20 -0.49
C ARG A 597 -4.99 4.63 -0.12
N TRP A 598 -4.53 5.80 -0.56
CA TRP A 598 -3.20 6.28 -0.15
C TRP A 598 -3.35 7.38 0.93
N SER A 599 -4.55 7.59 1.43
CA SER A 599 -4.73 8.45 2.57
C SER A 599 -5.09 7.56 3.77
N PHE A 600 -5.00 8.13 4.97
CA PHE A 600 -5.66 7.57 6.13
C PHE A 600 -7.13 7.97 5.97
N PRO A 601 -8.01 6.97 5.82
CA PRO A 601 -9.41 7.21 5.69
C PRO A 601 -10.14 7.52 7.01
N ARG A 602 -11.30 8.12 6.91
CA ARG A 602 -12.17 8.20 8.08
C ARG A 602 -12.59 6.79 8.48
N ASP A 603 -12.76 6.58 9.78
CA ASP A 603 -13.28 5.35 10.34
C ASP A 603 -14.75 5.48 10.82
N ASP A 604 -15.42 6.60 10.51
CA ASP A 604 -16.82 6.81 10.90
C ASP A 604 -17.75 6.78 9.74
N VAL A 605 -17.27 6.75 8.53
CA VAL A 605 -18.11 6.53 7.35
C VAL A 605 -17.38 5.53 6.45
N SER A 606 -18.09 4.86 5.54
CA SER A 606 -17.47 3.79 4.74
C SER A 606 -16.52 4.34 3.67
N GLY A 607 -15.60 3.48 3.23
CA GLY A 607 -14.78 3.71 2.04
C GLY A 607 -15.61 4.24 0.86
N LYS A 608 -16.73 3.60 0.60
CA LYS A 608 -17.57 3.93 -0.54
C LYS A 608 -18.01 5.40 -0.46
N ILE A 609 -18.46 5.85 0.69
CA ILE A 609 -18.95 7.21 0.81
C ILE A 609 -17.81 8.17 0.52
N GLN A 610 -16.63 7.90 1.11
CA GLN A 610 -15.44 8.72 0.82
C GLN A 610 -15.08 8.79 -0.66
N ALA A 611 -15.08 7.65 -1.31
CA ALA A 611 -14.76 7.63 -2.74
C ALA A 611 -15.79 8.34 -3.58
N LEU A 612 -17.05 8.22 -3.26
CA LEU A 612 -18.08 8.95 -4.04
C LEU A 612 -17.94 10.48 -3.85
N GLN A 613 -17.67 10.96 -2.63
CA GLN A 613 -17.45 12.40 -2.40
C GLN A 613 -16.26 12.84 -3.22
N LEU A 614 -15.22 12.01 -3.26
CA LEU A 614 -14.02 12.36 -4.02
C LEU A 614 -14.32 12.34 -5.53
N GLY A 615 -15.14 11.39 -5.98
CA GLY A 615 -15.61 11.38 -7.39
C GLY A 615 -16.36 12.64 -7.78
N LEU A 616 -17.24 13.07 -6.91
CA LEU A 616 -18.00 14.31 -7.14
C LEU A 616 -17.06 15.55 -7.16
N ALA A 617 -16.04 15.55 -6.31
CA ALA A 617 -15.08 16.65 -6.27
C ALA A 617 -14.28 16.70 -7.54
N LEU A 618 -13.83 15.54 -7.99
CA LEU A 618 -13.13 15.45 -9.26
C LEU A 618 -13.99 15.77 -10.48
N ARG A 619 -15.28 15.49 -10.35
CA ARG A 619 -16.23 15.81 -11.42
C ARG A 619 -16.23 17.32 -11.68
N ASP A 620 -16.10 18.12 -10.63
CA ASP A 620 -16.06 19.56 -10.81
C ASP A 620 -14.75 19.99 -11.45
N GLU A 621 -13.67 19.31 -11.14
CA GLU A 621 -12.36 19.58 -11.79
C GLU A 621 -12.40 19.25 -13.31
N VAL A 622 -12.96 18.10 -13.64
CA VAL A 622 -13.16 17.68 -15.02
C VAL A 622 -14.00 18.73 -15.78
N ASN A 623 -15.04 19.21 -15.11
CA ASN A 623 -15.90 20.21 -15.76
C ASN A 623 -15.08 21.45 -16.15
N ASP A 624 -14.24 21.90 -15.22
CA ASP A 624 -13.49 23.13 -15.35
C ASP A 624 -12.47 22.90 -16.41
N LEU A 625 -11.86 21.70 -16.42
CA LEU A 625 -10.84 21.39 -17.43
C LEU A 625 -11.50 21.46 -18.80
N GLU A 626 -12.57 20.70 -18.97
CA GLU A 626 -13.28 20.71 -20.25
C GLU A 626 -13.70 22.16 -20.69
N GLY A 627 -14.34 22.92 -19.81
CA GLY A 627 -14.72 24.33 -20.11
C GLY A 627 -13.55 25.19 -20.55
N ALA A 628 -12.37 24.97 -19.99
CA ALA A 628 -11.20 25.78 -20.32
C ALA A 628 -10.48 25.33 -21.60
N GLY A 629 -11.02 24.35 -22.33
CA GLY A 629 -10.38 23.87 -23.53
C GLY A 629 -9.59 22.57 -23.33
N ILE A 630 -9.56 22.00 -22.15
CA ILE A 630 -8.77 20.77 -21.93
C ILE A 630 -9.70 19.58 -22.11
N THR A 631 -9.73 19.06 -23.32
CA THR A 631 -10.82 18.19 -23.70
C THR A 631 -10.36 16.74 -23.90
N VAL A 632 -9.10 16.50 -23.54
CA VAL A 632 -8.54 15.15 -23.38
C VAL A 632 -8.09 15.10 -21.94
N ILE A 633 -8.59 14.14 -21.18
CA ILE A 633 -8.32 14.12 -19.73
C ILE A 633 -8.02 12.70 -19.25
N GLN A 634 -6.90 12.56 -18.56
CA GLN A 634 -6.48 11.25 -18.01
C GLN A 634 -6.72 11.20 -16.48
N VAL A 635 -7.36 10.12 -16.04
CA VAL A 635 -7.49 9.77 -14.64
C VAL A 635 -6.71 8.50 -14.30
N ASP A 636 -5.81 8.59 -13.31
CA ASP A 636 -4.77 7.58 -12.95
C ASP A 636 -5.32 6.87 -11.71
N GLU A 637 -5.44 5.53 -11.73
CA GLU A 637 -5.94 4.80 -10.57
C GLU A 637 -4.98 3.63 -10.23
N PRO A 638 -3.77 3.95 -9.74
CA PRO A 638 -2.77 2.91 -9.48
C PRO A 638 -3.08 2.05 -8.29
N ALA A 639 -3.88 2.55 -7.35
CA ALA A 639 -4.26 1.77 -6.17
C ALA A 639 -5.58 0.96 -6.25
N ILE A 640 -6.19 0.90 -7.43
CA ILE A 640 -7.45 0.14 -7.60
C ILE A 640 -7.39 -1.31 -7.05
N ARG A 641 -6.33 -2.05 -7.29
CA ARG A 641 -6.33 -3.40 -6.84
C ARG A 641 -6.06 -3.52 -5.36
N GLU A 642 -5.38 -2.52 -4.81
CA GLU A 642 -4.89 -2.59 -3.43
C GLU A 642 -6.02 -2.61 -2.48
N GLY A 643 -7.06 -1.85 -2.79
CA GLY A 643 -8.27 -1.90 -1.99
C GLY A 643 -9.19 -3.13 -2.20
N LEU A 644 -8.84 -4.09 -3.01
CA LEU A 644 -9.75 -5.22 -3.24
C LEU A 644 -9.98 -5.99 -1.89
N PRO A 645 -11.23 -6.21 -1.53
CA PRO A 645 -11.46 -7.00 -0.31
C PRO A 645 -10.81 -8.34 -0.32
N LEU A 646 -10.31 -8.75 0.85
CA LEU A 646 -9.40 -9.89 0.94
C LEU A 646 -10.03 -11.23 0.62
N ARG A 647 -11.33 -11.33 0.84
CA ARG A 647 -12.09 -12.50 0.47
C ARG A 647 -13.13 -12.26 -0.67
N ALA A 648 -13.44 -13.30 -1.43
CA ALA A 648 -14.49 -13.23 -2.46
C ALA A 648 -15.83 -13.21 -1.77
N GLY A 649 -16.82 -12.63 -2.42
CA GLY A 649 -18.13 -12.45 -1.82
C GLY A 649 -18.68 -11.05 -2.05
N LYS A 650 -19.64 -10.69 -1.21
CA LYS A 650 -20.46 -9.49 -1.46
C LYS A 650 -19.60 -8.24 -1.37
N GLU A 651 -18.79 -8.18 -0.33
CA GLU A 651 -17.96 -7.03 -0.16
C GLU A 651 -17.03 -6.78 -1.36
N ARG A 652 -16.46 -7.87 -1.91
CA ARG A 652 -15.54 -7.70 -3.04
C ARG A 652 -16.27 -7.16 -4.29
N SER A 653 -17.42 -7.72 -4.60
CA SER A 653 -18.16 -7.33 -5.80
C SER A 653 -18.75 -5.94 -5.60
N ASP A 654 -19.21 -5.62 -4.39
CA ASP A 654 -19.70 -4.26 -4.09
C ASP A 654 -18.56 -3.27 -4.38
N TYR A 655 -17.35 -3.62 -3.97
CA TYR A 655 -16.15 -2.72 -4.09
C TYR A 655 -15.86 -2.36 -5.54
N LEU A 656 -15.87 -3.39 -6.36
CA LEU A 656 -15.59 -3.25 -7.74
C LEU A 656 -16.66 -2.37 -8.36
N ASN A 657 -17.91 -2.56 -7.98
CA ASN A 657 -18.98 -1.65 -8.43
C ASN A 657 -18.72 -0.22 -8.01
N TRP A 658 -18.50 0.02 -6.71
CA TRP A 658 -18.37 1.40 -6.29
C TRP A 658 -17.08 2.04 -6.73
N ALA A 659 -16.05 1.25 -6.94
CA ALA A 659 -14.84 1.80 -7.45
C ALA A 659 -15.01 2.28 -8.88
N ALA A 660 -15.68 1.46 -9.71
CA ALA A 660 -15.84 1.86 -11.08
C ALA A 660 -16.81 3.04 -11.06
N GLN A 661 -17.83 2.95 -10.20
CA GLN A 661 -18.82 4.01 -10.16
C GLN A 661 -18.20 5.37 -9.79
N SER A 662 -17.26 5.41 -8.82
CA SER A 662 -16.74 6.72 -8.46
C SER A 662 -15.90 7.33 -9.60
N PHE A 663 -15.22 6.49 -10.37
CA PHE A 663 -14.52 6.92 -11.57
C PHE A 663 -15.50 7.49 -12.55
N ARG A 664 -16.65 6.82 -12.73
CA ARG A 664 -17.64 7.26 -13.66
C ARG A 664 -18.33 8.57 -13.22
N VAL A 665 -18.50 8.75 -11.92
CA VAL A 665 -19.05 10.01 -11.40
C VAL A 665 -18.09 11.15 -11.74
N ALA A 666 -16.79 10.89 -11.69
CA ALA A 666 -15.80 11.94 -12.07
C ALA A 666 -15.80 12.35 -13.54
N THR A 667 -16.07 11.38 -14.41
CA THR A 667 -15.75 11.48 -15.84
C THR A 667 -16.96 11.49 -16.72
N SER A 668 -18.11 11.14 -16.19
CA SER A 668 -19.27 10.95 -17.03
C SER A 668 -20.00 12.19 -17.48
N GLY A 669 -19.71 13.34 -16.92
CA GLY A 669 -20.43 14.56 -17.29
C GLY A 669 -19.98 15.23 -18.61
N VAL A 670 -18.96 14.74 -19.25
CA VAL A 670 -18.32 15.52 -20.29
C VAL A 670 -19.07 15.38 -21.60
N GLU A 671 -18.73 16.23 -22.56
CA GLU A 671 -19.24 16.09 -23.91
C GLU A 671 -18.72 14.82 -24.60
N ASN A 672 -19.48 14.34 -25.56
CA ASN A 672 -19.07 13.20 -26.34
C ASN A 672 -17.69 13.33 -27.01
N SER A 673 -17.28 14.54 -27.33
CA SER A 673 -16.06 14.73 -28.07
C SER A 673 -14.86 14.83 -27.15
N THR A 674 -15.12 14.84 -25.86
CA THR A 674 -14.06 14.89 -24.83
C THR A 674 -13.58 13.44 -24.61
N GLN A 675 -12.27 13.25 -24.72
CA GLN A 675 -11.68 11.95 -24.71
C GLN A 675 -11.15 11.70 -23.31
N ILE A 676 -11.75 10.70 -22.66
CA ILE A 676 -11.37 10.31 -21.31
C ILE A 676 -10.42 9.09 -21.33
N HIS A 677 -9.32 9.23 -20.63
CA HIS A 677 -8.29 8.19 -20.55
C HIS A 677 -8.18 7.69 -19.15
N SER A 678 -7.95 6.39 -19.00
CA SER A 678 -7.74 5.83 -17.70
C SER A 678 -6.44 5.08 -17.76
N HIS A 679 -5.61 5.31 -16.75
CA HIS A 679 -4.34 4.64 -16.64
C HIS A 679 -4.28 3.76 -15.39
N PHE A 680 -3.67 2.59 -15.58
CA PHE A 680 -3.56 1.50 -14.60
C PHE A 680 -2.14 0.93 -14.54
N CYS A 681 -1.60 0.89 -13.33
CA CYS A 681 -0.30 0.31 -13.07
C CYS A 681 -0.37 -1.23 -12.98
N TYR A 682 -1.51 -1.81 -12.60
CA TYR A 682 -1.60 -3.26 -12.52
C TYR A 682 -1.85 -3.85 -13.91
N SER A 683 -1.11 -4.90 -14.25
CA SER A 683 -1.47 -5.71 -15.39
C SER A 683 -2.26 -6.87 -14.87
N ASP A 684 -2.97 -7.57 -15.73
CA ASP A 684 -3.87 -8.63 -15.23
C ASP A 684 -4.76 -8.00 -14.15
N LEU A 685 -5.28 -6.81 -14.46
CA LEU A 685 -6.35 -6.19 -13.71
C LEU A 685 -7.65 -6.61 -14.37
N ASP A 686 -8.71 -6.80 -13.58
CA ASP A 686 -9.93 -7.47 -14.00
C ASP A 686 -10.63 -6.85 -15.22
N PRO A 687 -10.55 -7.49 -16.42
CA PRO A 687 -11.13 -6.94 -17.65
C PRO A 687 -12.54 -6.38 -17.51
N ASN A 688 -13.40 -7.08 -16.80
CA ASN A 688 -14.75 -6.61 -16.50
C ASN A 688 -14.76 -5.23 -15.88
N HIS A 689 -13.79 -4.99 -14.99
CA HIS A 689 -13.71 -3.71 -14.27
C HIS A 689 -13.21 -2.59 -15.22
N ILE A 690 -12.16 -2.88 -15.97
CA ILE A 690 -11.75 -2.01 -17.05
C ILE A 690 -12.98 -1.66 -17.92
N LYS A 691 -13.72 -2.66 -18.38
CA LYS A 691 -14.90 -2.42 -19.25
C LYS A 691 -15.91 -1.50 -18.53
N ALA A 692 -16.19 -1.78 -17.26
CA ALA A 692 -17.15 -0.99 -16.44
C ALA A 692 -16.89 0.54 -16.34
N LEU A 693 -15.67 0.96 -16.58
CA LEU A 693 -15.34 2.39 -16.64
C LEU A 693 -15.77 3.14 -17.88
N ASP A 694 -15.75 2.44 -19.01
CA ASP A 694 -16.20 2.98 -20.29
C ASP A 694 -15.41 4.20 -20.64
N ALA A 695 -14.12 4.17 -20.33
CA ALA A 695 -13.17 5.16 -20.74
C ALA A 695 -12.98 5.10 -22.23
N ASP A 696 -12.75 6.27 -22.87
CA ASP A 696 -12.50 6.28 -24.31
C ASP A 696 -11.24 5.55 -24.67
N VAL A 697 -10.26 5.66 -23.77
CA VAL A 697 -8.96 5.06 -23.92
C VAL A 697 -8.48 4.59 -22.55
N VAL A 698 -7.83 3.42 -22.54
CA VAL A 698 -7.25 2.81 -21.32
C VAL A 698 -5.77 2.53 -21.59
N SER A 699 -4.88 2.93 -20.69
CA SER A 699 -3.46 2.50 -20.79
C SER A 699 -3.11 1.60 -19.61
N ILE A 700 -2.29 0.59 -19.88
CA ILE A 700 -2.00 -0.40 -18.87
C ILE A 700 -0.56 -0.85 -18.96
N GLU A 701 -0.02 -1.20 -17.82
CA GLU A 701 1.25 -1.84 -17.75
C GLU A 701 1.08 -3.22 -18.40
N PHE A 702 1.95 -3.55 -19.35
CA PHE A 702 1.93 -4.87 -20.00
C PHE A 702 3.29 -5.29 -20.55
N SER A 703 4.34 -4.50 -20.32
CA SER A 703 5.66 -4.84 -20.85
C SER A 703 6.19 -6.14 -20.27
N LYS A 704 5.52 -6.71 -19.23
CA LYS A 704 5.88 -8.01 -18.59
C LYS A 704 5.11 -9.19 -19.25
N LYS A 705 5.36 -10.42 -18.80
CA LYS A 705 4.78 -11.63 -19.43
C LYS A 705 3.32 -11.42 -19.85
N ASP A 707 1.50 -13.12 -21.13
CA ASP A 707 0.66 -14.24 -21.55
C ASP A 707 -0.52 -13.62 -22.34
N PRO A 708 -0.62 -13.96 -23.66
CA PRO A 708 -1.47 -13.31 -24.71
C PRO A 708 -3.00 -13.40 -24.58
N ASN A 709 -3.50 -14.40 -23.89
CA ASN A 709 -4.94 -14.56 -23.65
C ASN A 709 -5.56 -13.30 -23.03
N TYR A 710 -4.77 -12.60 -22.23
CA TYR A 710 -5.23 -11.35 -21.61
C TYR A 710 -5.64 -10.28 -22.66
N ILE A 711 -4.76 -10.01 -23.62
CA ILE A 711 -5.04 -9.09 -24.74
C ILE A 711 -6.32 -9.47 -25.50
N GLN A 712 -6.51 -10.77 -25.74
CA GLN A 712 -7.72 -11.34 -26.33
C GLN A 712 -9.00 -10.98 -25.55
N GLU A 713 -8.91 -10.79 -24.25
CA GLU A 713 -10.07 -10.36 -23.45
C GLU A 713 -10.84 -9.10 -23.95
N PHE A 714 -10.23 -8.25 -24.76
CA PHE A 714 -10.89 -6.97 -25.09
C PHE A 714 -11.26 -6.83 -26.57
N SER A 715 -11.24 -7.93 -27.31
CA SER A 715 -11.35 -7.83 -28.77
C SER A 715 -12.78 -7.48 -29.27
N GLU A 716 -13.83 -7.83 -28.53
CA GLU A 716 -15.20 -7.42 -28.90
C GLU A 716 -15.60 -6.09 -28.21
N TYR A 717 -14.74 -5.63 -27.30
CA TYR A 717 -14.98 -4.41 -26.53
C TYR A 717 -14.57 -3.22 -27.39
N PRO A 718 -15.52 -2.32 -27.73
CA PRO A 718 -15.14 -1.33 -28.75
C PRO A 718 -14.10 -0.26 -28.33
N ASN A 719 -13.97 0.01 -27.04
CA ASN A 719 -13.16 1.15 -26.59
C ASN A 719 -11.69 0.84 -26.79
N HIS A 720 -10.87 1.88 -26.84
CA HIS A 720 -9.45 1.75 -27.21
C HIS A 720 -8.53 1.48 -26.05
N ILE A 721 -7.41 0.84 -26.37
CA ILE A 721 -6.48 0.32 -25.39
C ILE A 721 -5.04 0.47 -25.79
N GLY A 722 -4.23 0.91 -24.84
CA GLY A 722 -2.81 1.03 -25.09
C GLY A 722 -2.05 0.11 -24.18
N LEU A 723 -1.68 -1.07 -24.67
CA LEU A 723 -0.90 -2.02 -23.89
C LEU A 723 0.56 -1.59 -23.80
N GLY A 724 0.92 -1.05 -22.63
CA GLY A 724 2.25 -0.49 -22.39
C GLY A 724 3.40 -1.32 -22.88
N LEU A 725 4.19 -0.73 -23.74
CA LEU A 725 5.12 -1.52 -24.53
C LEU A 725 6.45 -1.78 -23.89
N PHE A 726 6.84 -0.95 -22.92
CA PHE A 726 8.18 -1.07 -22.34
C PHE A 726 8.28 -0.66 -20.88
N ASP A 727 9.06 -1.45 -20.12
CA ASP A 727 9.24 -1.29 -18.68
C ASP A 727 9.83 0.07 -18.33
N ILE A 728 9.06 0.88 -17.62
CA ILE A 728 9.55 2.16 -17.18
C ILE A 728 10.62 2.05 -16.09
N HIS A 729 10.58 0.94 -15.34
CA HIS A 729 11.34 0.82 -14.10
C HIS A 729 12.75 0.43 -14.47
N SER A 730 12.91 -0.07 -15.70
CA SER A 730 14.23 -0.27 -16.31
C SER A 730 14.96 1.07 -16.61
N PRO A 731 16.08 1.00 -17.36
CA PRO A 731 16.68 2.14 -18.03
C PRO A 731 17.15 1.84 -19.48
N ARG A 732 16.92 0.62 -19.97
CA ARG A 732 17.48 0.16 -21.22
C ARG A 732 16.57 0.57 -22.39
N ILE A 733 17.18 1.09 -23.46
CA ILE A 733 16.49 1.57 -24.65
C ILE A 733 16.08 0.40 -25.55
N PRO A 734 14.78 0.18 -25.76
CA PRO A 734 14.42 -0.84 -26.75
C PRO A 734 14.63 -0.37 -28.19
N SER A 735 14.86 -1.31 -29.08
CA SER A 735 15.06 -0.98 -30.49
C SER A 735 13.72 -0.64 -31.12
N LYS A 736 13.73 -0.21 -32.39
CA LYS A 736 12.47 -0.06 -33.10
C LYS A 736 11.90 -1.46 -33.39
N GLN A 737 12.72 -2.35 -33.94
CA GLN A 737 12.22 -3.69 -34.25
C GLN A 737 11.61 -4.41 -33.03
N GLU A 738 12.14 -4.11 -31.83
CA GLU A 738 11.61 -4.58 -30.56
C GLU A 738 10.17 -4.10 -30.42
N PHE A 739 9.98 -2.78 -30.49
CA PHE A 739 8.65 -2.21 -30.48
C PHE A 739 7.72 -2.87 -31.51
N VAL A 740 8.24 -3.06 -32.74
CA VAL A 740 7.51 -3.68 -33.86
C VAL A 740 7.10 -5.14 -33.59
N SER A 741 8.04 -5.98 -33.16
CA SER A 741 7.71 -7.38 -32.87
C SER A 741 6.64 -7.46 -31.77
N ARG A 742 6.65 -6.51 -30.85
CA ARG A 742 5.65 -6.50 -29.78
C ARG A 742 4.25 -6.21 -30.26
N ILE A 743 4.08 -5.22 -31.13
CA ILE A 743 2.76 -4.94 -31.69
C ILE A 743 2.19 -6.13 -32.46
N GLU A 744 3.00 -6.74 -33.32
CA GLU A 744 2.49 -7.82 -34.17
C GLU A 744 2.09 -9.02 -33.32
N GLU A 745 2.63 -9.17 -32.11
CA GLU A 745 2.11 -10.16 -31.17
C GLU A 745 0.72 -9.73 -30.68
N ILE A 746 0.58 -8.44 -30.31
CA ILE A 746 -0.70 -7.86 -29.89
C ILE A 746 -1.71 -7.99 -31.04
N LEU A 747 -1.35 -7.52 -32.25
CA LEU A 747 -2.28 -7.47 -33.44
C LEU A 747 -2.76 -8.86 -33.94
N LYS A 748 -2.00 -9.92 -33.64
CA LYS A 748 -2.45 -11.31 -33.94
C LYS A 748 -3.58 -11.71 -32.98
N VAL A 749 -3.78 -10.93 -31.90
CA VAL A 749 -4.94 -11.06 -31.01
C VAL A 749 -5.89 -9.84 -31.08
N TYR A 750 -5.34 -8.62 -31.14
CA TYR A 750 -6.09 -7.34 -30.97
C TYR A 750 -6.08 -6.44 -32.22
N PRO A 751 -7.25 -5.86 -32.57
CA PRO A 751 -7.33 -5.07 -33.82
C PRO A 751 -6.52 -3.78 -33.81
N ALA A 752 -5.85 -3.45 -34.91
CA ALA A 752 -4.98 -2.27 -34.97
C ALA A 752 -5.74 -0.97 -34.89
N SER A 753 -7.05 -1.02 -35.15
CA SER A 753 -7.90 0.15 -35.10
C SER A 753 -8.24 0.52 -33.69
N LYS A 754 -7.98 -0.37 -32.74
CA LYS A 754 -8.31 -0.10 -31.35
C LYS A 754 -7.07 0.20 -30.50
N PHE A 755 -5.89 0.21 -31.14
CA PHE A 755 -4.61 0.14 -30.44
C PHE A 755 -3.78 1.42 -30.32
N TRP A 756 -3.47 1.80 -29.09
CA TRP A 756 -2.58 2.92 -28.81
C TRP A 756 -1.19 2.46 -28.52
N VAL A 757 -0.21 3.33 -28.74
CA VAL A 757 1.16 2.99 -28.35
C VAL A 757 1.70 3.95 -27.28
N ASN A 758 2.14 3.39 -26.15
CA ASN A 758 2.65 4.16 -25.02
C ASN A 758 3.60 3.33 -24.15
N PRO A 759 4.39 3.99 -23.29
CA PRO A 759 5.15 3.26 -22.25
C PRO A 759 4.27 2.64 -21.13
N ASP A 760 4.89 1.84 -20.25
CA ASP A 760 4.21 1.20 -19.08
C ASP A 760 3.59 2.22 -18.09
N CYS A 761 4.38 3.21 -17.72
CA CYS A 761 3.96 4.27 -16.77
C CYS A 761 4.75 5.53 -17.15
N GLY A 762 4.68 6.53 -16.28
CA GLY A 762 5.38 7.81 -16.45
C GLY A 762 6.89 7.64 -16.30
N LEU A 763 7.63 8.70 -16.59
CA LEU A 763 9.07 8.67 -16.79
C LEU A 763 9.79 9.60 -15.81
N LYS A 764 9.05 10.05 -14.81
CA LYS A 764 9.57 10.84 -13.68
C LYS A 764 10.93 10.42 -13.24
N THR A 765 11.14 9.10 -13.18
CA THR A 765 12.36 8.52 -12.59
C THR A 765 13.43 8.05 -13.61
N ARG A 766 13.12 8.09 -14.90
CA ARG A 766 14.10 7.79 -15.94
C ARG A 766 14.98 9.01 -16.20
N GLY A 767 16.09 8.80 -16.92
CA GLY A 767 17.03 9.87 -17.35
C GLY A 767 16.73 10.41 -18.74
N TRP A 768 16.98 11.72 -18.95
CA TRP A 768 16.60 12.43 -20.21
C TRP A 768 17.15 11.81 -21.49
N PRO A 769 18.45 11.55 -21.53
CA PRO A 769 18.95 10.91 -22.75
C PRO A 769 18.40 9.48 -22.92
N GLU A 770 18.19 8.78 -21.80
CA GLU A 770 17.57 7.48 -21.80
C GLU A 770 16.23 7.66 -22.50
N VAL A 771 15.45 8.64 -22.00
CA VAL A 771 14.05 8.91 -22.43
C VAL A 771 13.91 9.38 -23.90
N LYS A 772 14.77 10.33 -24.32
CA LYS A 772 14.75 10.86 -25.70
C LYS A 772 14.88 9.75 -26.74
N GLU A 773 15.89 8.89 -26.59
CA GLU A 773 16.11 7.82 -27.59
C GLU A 773 14.97 6.79 -27.56
N SER A 774 14.49 6.47 -26.37
CA SER A 774 13.48 5.43 -26.27
C SER A 774 12.15 5.87 -26.88
N LEU A 775 11.75 7.13 -26.66
CA LEU A 775 10.46 7.59 -27.20
C LEU A 775 10.56 7.77 -28.71
N THR A 776 11.66 8.33 -29.19
CA THR A 776 11.88 8.51 -30.63
C THR A 776 11.70 7.17 -31.34
N ASN A 777 12.28 6.14 -30.72
CA ASN A 777 12.20 4.77 -31.20
C ASN A 777 10.79 4.22 -31.24
N MET A 778 10.04 4.41 -30.16
CA MET A 778 8.64 4.00 -30.10
C MET A 778 7.81 4.65 -31.21
N VAL A 779 8.01 5.93 -31.44
CA VAL A 779 7.19 6.63 -32.40
C VAL A 779 7.46 6.14 -33.81
N GLU A 780 8.75 6.06 -34.15
CA GLU A 780 9.12 5.66 -35.51
C GLU A 780 8.59 4.27 -35.81
N ALA A 781 8.50 3.40 -34.82
CA ALA A 781 7.88 2.08 -34.98
C ALA A 781 6.39 2.13 -35.30
N ALA A 782 5.68 2.96 -34.55
CA ALA A 782 4.28 3.18 -34.81
C ALA A 782 4.08 3.82 -36.16
N LYS A 783 4.95 4.76 -36.53
CA LYS A 783 4.81 5.44 -37.84
C LYS A 783 4.99 4.43 -38.97
N GLU A 784 5.89 3.47 -38.77
CA GLU A 784 6.12 2.45 -39.79
C GLU A 784 4.90 1.52 -39.87
N PHE A 785 4.24 1.28 -38.74
CA PHE A 785 3.00 0.49 -38.76
C PHE A 785 1.86 1.30 -39.37
N ARG A 786 1.94 2.62 -39.21
CA ARG A 786 0.95 3.57 -39.74
C ARG A 786 1.00 3.53 -41.25
N ALA A 787 2.21 3.43 -41.77
CA ALA A 787 2.43 3.31 -43.19
C ALA A 787 2.06 1.93 -43.77
N LYS A 788 2.43 0.86 -43.07
CA LYS A 788 2.33 -0.51 -43.62
C LYS A 788 0.94 -1.11 -43.45
#